data_2VT0
#
_entry.id   2VT0
#
_cell.length_a   68.184
_cell.length_b   96.884
_cell.length_c   83.171
_cell.angle_alpha   90.00
_cell.angle_beta   103.73
_cell.angle_gamma   90.00
#
_symmetry.space_group_name_H-M   'P 1 21 1'
#
loop_
_entity.id
_entity.type
_entity.pdbx_description
1 polymer GLUCOSYLCERAMIDASE
2 branched alpha-D-mannopyranose-(1-4)-2-acetamido-2-deoxy-beta-D-glucopyranose-(1-4)-[alpha-L-fucopyranose-(1-3)]2-acetamido-2-deoxy-beta-D-glucopyranose
3 branched alpha-L-fucopyranose-(1-3)-[2-acetamido-2-deoxy-beta-D-glucopyranose-(1-4)]2-acetamido-2-deoxy-beta-D-glucopyranose
4 non-polymer (1R,2R,3S,4S,5S,6S)-CYCLOHEXANE-1,2,3,4,5,6-HEXOL
5 non-polymer 'SULFATE ION'
6 water water
#
_entity_poly.entity_id   1
_entity_poly.type   'polypeptide(L)'
_entity_poly.pdbx_seq_one_letter_code
;EFARPCIPKSFGYSSVVCVCNATYCDSFDPPTFPALGTFSRYESTRSGRRMELSMGPIQANHTGTGLLLTLQPEQKFQKV
KGFGGAMTDAAALNILALSPPAQNLLLKSYFSEEGIGYNIIRVPMASCDFSIRTYTYADTPDDFQLHNFSLPEEDTKLKI
PLIHRALQLAQRPVSLLASPWTSPTWLKTNGAVNGKGSLKGQPGDIYHQTWARYFVKFLDAYAEHKLQFWAVTAENEPSA
GLLSGYPFQCLGFTPEHQRDFIARDLGPTLANSTHHNVRLLMLDDQRLLLPHWAKVVLTDPEAAKYVHGIAVHWYLDFLA
PAKATLGETHRLFPNTMLFASEACVGSKFWEQSVRLGSWDRGMQYSHSIITNLLYHVVGWTDWNLALNPEGGPNWVRNFV
DSPIIVDITKDTFYKQPMFYHLGHFSKFIPEGSQRVGLVASQKNDLDAVALMHPDGSAVVVVLNRSSKDVPLTIKDPAVG
FLETISPGYSIHTYLWHRQLLVDTM
;
_entity_poly.pdbx_strand_id   A,B
#
# COMPACT_ATOMS: atom_id res chain seq x y z
N GLU A 1 -5.35 34.32 -29.33
CA GLU A 1 -4.41 35.41 -28.97
C GLU A 1 -3.12 35.03 -29.64
N PHE A 2 -2.08 35.87 -29.49
CA PHE A 2 -0.70 35.51 -29.89
C PHE A 2 -0.09 34.54 -28.85
N ALA A 3 0.76 33.62 -29.29
CA ALA A 3 1.60 32.83 -28.43
C ALA A 3 2.56 33.74 -27.60
N ARG A 4 2.48 33.66 -26.26
CA ARG A 4 3.44 34.34 -25.35
C ARG A 4 4.26 33.25 -24.74
N PRO A 5 5.58 33.41 -24.75
CA PRO A 5 6.40 32.28 -24.29
C PRO A 5 6.50 32.22 -22.77
N CYS A 6 7.05 31.11 -22.31
CA CYS A 6 7.27 30.79 -20.90
C CYS A 6 8.24 31.86 -20.33
N ILE A 7 7.92 32.49 -19.19
CA ILE A 7 8.96 33.24 -18.45
C ILE A 7 9.64 32.28 -17.45
N PRO A 8 10.87 31.84 -17.72
CA PRO A 8 11.31 30.72 -16.93
C PRO A 8 11.91 31.20 -15.61
N LYS A 9 11.75 30.45 -14.54
CA LYS A 9 12.47 30.73 -13.35
C LYS A 9 12.94 29.46 -12.66
N SER A 10 14.16 29.46 -12.19
CA SER A 10 14.73 28.29 -11.54
C SER A 10 14.60 28.43 -10.00
N PHE A 11 14.37 27.32 -9.31
CA PHE A 11 14.41 27.34 -7.84
C PHE A 11 15.47 26.39 -7.32
N GLY A 12 16.44 26.07 -8.15
CA GLY A 12 17.52 25.12 -7.81
C GLY A 12 17.17 23.64 -8.04
N TYR A 13 16.01 23.30 -8.62
CA TYR A 13 15.77 21.86 -8.95
C TYR A 13 16.10 21.57 -10.41
N SER A 14 15.69 20.42 -10.93
CA SER A 14 16.24 20.02 -12.22
C SER A 14 15.77 20.84 -13.41
N SER A 15 14.64 21.56 -13.28
CA SER A 15 14.19 22.36 -14.41
C SER A 15 13.57 23.67 -13.91
N VAL A 16 12.95 24.42 -14.81
CA VAL A 16 12.34 25.70 -14.50
C VAL A 16 10.80 25.64 -14.40
N VAL A 17 10.20 26.65 -13.74
CA VAL A 17 8.78 26.96 -13.83
C VAL A 17 8.56 28.14 -14.76
N CYS A 18 7.32 28.31 -15.17
CA CYS A 18 6.95 29.43 -16.00
C CYS A 18 6.19 30.35 -15.08
N VAL A 19 6.64 31.61 -15.09
CA VAL A 19 6.10 32.66 -14.23
C VAL A 19 4.93 33.42 -14.87
N CYS A 20 3.81 33.48 -14.13
CA CYS A 20 2.55 34.07 -14.60
C CYS A 20 2.09 35.04 -13.54
N ASN A 21 1.46 36.13 -13.96
CA ASN A 21 1.01 37.17 -13.02
C ASN A 21 -0.29 37.81 -13.57
N ALA A 22 -0.69 39.00 -13.05
CA ALA A 22 -1.99 39.61 -13.46
C ALA A 22 -2.06 40.02 -14.93
N THR A 23 -0.93 40.28 -15.54
CA THR A 23 -0.95 40.76 -16.91
C THR A 23 -0.21 39.89 -17.94
N TYR A 24 0.49 38.83 -17.51
CA TYR A 24 1.25 37.99 -18.42
C TYR A 24 1.08 36.51 -18.09
N CYS A 25 0.68 35.69 -19.07
CA CYS A 25 0.83 34.27 -18.87
C CYS A 25 1.22 33.61 -20.17
N ASP A 26 2.09 32.60 -20.15
CA ASP A 26 2.46 31.94 -21.42
C ASP A 26 1.20 31.29 -22.06
N SER A 27 1.14 31.21 -23.39
CA SER A 27 -0.08 30.68 -24.07
C SER A 27 0.24 30.20 -25.47
N PHE A 28 -0.71 29.57 -26.17
CA PHE A 28 -0.39 29.05 -27.52
C PHE A 28 -0.89 30.02 -28.58
N PRO A 34 -1.39 20.71 -38.98
CA PRO A 34 -0.33 20.99 -39.97
C PRO A 34 -0.86 20.80 -41.40
N ALA A 35 -0.40 21.59 -42.39
CA ALA A 35 -0.77 21.32 -43.78
C ALA A 35 -0.53 19.84 -44.15
N LEU A 36 -1.30 19.30 -45.08
CA LEU A 36 -0.94 18.03 -45.71
C LEU A 36 0.48 18.17 -46.32
N GLY A 37 1.25 17.10 -46.55
CA GLY A 37 1.53 15.98 -45.69
C GLY A 37 2.77 16.39 -44.88
N THR A 38 2.54 17.25 -43.90
CA THR A 38 3.55 17.52 -42.92
C THR A 38 3.02 16.99 -41.58
N PHE A 39 3.91 16.90 -40.58
CA PHE A 39 3.49 16.65 -39.21
C PHE A 39 3.77 17.87 -38.29
N SER A 40 2.98 18.04 -37.24
CA SER A 40 3.38 18.93 -36.14
C SER A 40 4.00 18.15 -35.00
N ARG A 41 5.02 18.78 -34.39
CA ARG A 41 5.71 18.27 -33.20
C ARG A 41 5.59 19.31 -32.10
N TYR A 42 5.01 18.98 -30.94
CA TYR A 42 5.23 19.79 -29.72
C TYR A 42 6.27 19.18 -28.80
N GLU A 43 7.24 19.98 -28.37
CA GLU A 43 8.34 19.47 -27.54
C GLU A 43 8.53 20.25 -26.21
N SER A 44 8.77 19.47 -25.15
CA SER A 44 9.17 19.99 -23.88
C SER A 44 10.42 19.28 -23.41
N THR A 45 11.33 20.07 -22.84
CA THR A 45 12.60 19.52 -22.37
C THR A 45 12.97 20.00 -20.99
N ARG A 46 13.78 19.17 -20.34
CA ARG A 46 14.35 19.51 -19.06
C ARG A 46 15.10 20.85 -19.18
N SER A 47 15.81 21.03 -20.27
CA SER A 47 16.62 22.20 -20.49
C SER A 47 15.78 23.43 -20.61
N GLY A 48 14.47 23.33 -20.80
CA GLY A 48 13.67 24.55 -20.75
C GLY A 48 12.62 24.79 -21.85
N ARG A 49 12.57 23.94 -22.87
CA ARG A 49 11.55 24.17 -23.89
C ARG A 49 10.21 23.76 -23.33
N ARG A 50 9.17 24.49 -23.67
CA ARG A 50 7.82 24.25 -23.10
C ARG A 50 6.81 24.14 -24.25
N MET A 51 6.34 22.93 -24.54
CA MET A 51 5.40 22.72 -25.65
C MET A 51 5.74 23.58 -26.92
N GLU A 52 7.00 23.56 -27.39
CA GLU A 52 7.42 24.30 -28.59
C GLU A 52 7.00 23.59 -29.88
N LEU A 53 6.39 24.34 -30.80
CA LEU A 53 5.86 23.80 -32.06
C LEU A 53 6.96 23.78 -33.13
N SER A 54 7.08 22.70 -33.86
CA SER A 54 7.92 22.64 -35.03
C SER A 54 7.22 21.71 -36.02
N MET A 55 7.73 21.69 -37.25
CA MET A 55 7.14 20.84 -38.31
C MET A 55 8.12 20.11 -39.10
N GLY A 56 7.61 19.08 -39.74
CA GLY A 56 8.43 18.16 -40.48
C GLY A 56 7.64 17.55 -41.62
N PRO A 57 8.37 16.99 -42.61
CA PRO A 57 7.70 16.35 -43.73
C PRO A 57 7.44 14.90 -43.38
N ILE A 58 6.33 14.38 -43.86
CA ILE A 58 6.12 12.93 -43.90
C ILE A 58 6.75 12.36 -45.17
N GLN A 59 7.82 11.55 -45.06
CA GLN A 59 8.43 10.87 -46.22
C GLN A 59 7.64 9.63 -46.71
N ALA A 60 7.80 9.31 -48.00
CA ALA A 60 7.27 8.09 -48.56
C ALA A 60 8.08 6.84 -48.24
N ASN A 61 9.40 6.95 -48.12
CA ASN A 61 10.25 5.73 -47.93
C ASN A 61 11.09 5.86 -46.66
N HIS A 62 11.64 4.75 -46.19
CA HIS A 62 12.57 4.71 -45.08
C HIS A 62 13.56 3.52 -45.15
N THR A 63 14.83 3.82 -44.88
CA THR A 63 15.86 2.78 -44.86
C THR A 63 16.71 3.01 -43.61
N GLY A 64 17.17 1.94 -43.00
CA GLY A 64 18.08 2.08 -41.88
C GLY A 64 17.67 1.06 -40.88
N THR A 65 18.50 0.87 -39.87
CA THR A 65 18.24 -0.11 -38.85
C THR A 65 17.95 0.59 -37.49
N GLY A 66 17.58 1.88 -37.52
CA GLY A 66 17.31 2.63 -36.27
C GLY A 66 15.96 2.21 -35.69
N LEU A 67 15.63 2.66 -34.50
CA LEU A 67 14.35 2.31 -33.90
C LEU A 67 13.18 2.76 -34.81
N LEU A 68 12.22 1.87 -35.08
CA LEU A 68 11.04 2.24 -35.86
C LEU A 68 9.81 1.97 -34.98
N LEU A 69 8.90 2.92 -34.87
CA LEU A 69 7.64 2.69 -34.13
C LEU A 69 6.54 2.65 -35.19
N THR A 70 5.81 1.53 -35.28
CA THR A 70 4.79 1.38 -36.37
C THR A 70 3.39 1.41 -35.80
N LEU A 71 2.62 2.35 -36.33
CA LEU A 71 1.21 2.50 -36.01
C LEU A 71 0.48 1.30 -36.59
N GLN A 72 -0.54 0.82 -35.85
CA GLN A 72 -1.47 -0.21 -36.31
C GLN A 72 -2.85 0.36 -36.21
N PRO A 73 -3.25 1.23 -37.14
CA PRO A 73 -4.46 2.01 -37.04
C PRO A 73 -5.73 1.20 -36.99
N GLU A 74 -5.62 -0.05 -37.38
CA GLU A 74 -6.73 -0.97 -37.38
C GLU A 74 -6.90 -1.77 -36.07
N GLN A 75 -5.87 -1.84 -35.23
CA GLN A 75 -6.01 -2.33 -33.85
C GLN A 75 -6.60 -1.21 -32.98
N LYS A 76 -7.84 -1.34 -32.56
CA LYS A 76 -8.56 -0.22 -31.96
C LYS A 76 -8.80 -0.57 -30.51
N PHE A 77 -8.62 0.33 -29.56
CA PHE A 77 -8.81 -0.03 -28.15
C PHE A 77 -9.86 0.91 -27.53
N GLN A 78 -9.57 1.53 -26.39
CA GLN A 78 -10.61 2.28 -25.67
C GLN A 78 -10.77 3.66 -26.26
N LYS A 79 -11.97 4.20 -26.09
CA LYS A 79 -12.18 5.63 -26.33
C LYS A 79 -11.91 6.48 -25.09
N VAL A 80 -11.33 7.66 -25.32
CA VAL A 80 -10.94 8.50 -24.26
C VAL A 80 -12.08 9.38 -23.76
N LYS A 81 -12.26 9.41 -22.43
CA LYS A 81 -13.20 10.34 -21.82
C LYS A 81 -12.50 11.72 -21.63
N GLY A 82 -11.30 11.76 -21.08
CA GLY A 82 -10.62 13.04 -20.94
C GLY A 82 -9.66 13.16 -19.77
N PHE A 83 -9.31 14.41 -19.43
CA PHE A 83 -8.21 14.78 -18.51
C PHE A 83 -8.62 15.99 -17.72
N GLY A 84 -8.19 16.08 -16.48
CA GLY A 84 -8.51 17.29 -15.76
C GLY A 84 -7.89 17.21 -14.35
N GLY A 85 -8.50 17.90 -13.40
CA GLY A 85 -7.96 18.02 -12.05
C GLY A 85 -9.08 18.25 -11.08
N ALA A 86 -8.71 18.48 -9.80
CA ALA A 86 -9.75 18.59 -8.78
C ALA A 86 -9.94 20.04 -8.28
N MET A 87 -11.21 20.44 -8.16
CA MET A 87 -11.53 21.73 -7.58
C MET A 87 -11.81 21.49 -6.07
N THR A 88 -10.76 21.31 -5.31
CA THR A 88 -10.86 21.29 -3.83
C THR A 88 -11.12 22.69 -3.21
N ASP A 89 -11.47 22.70 -1.94
CA ASP A 89 -11.45 23.92 -1.15
C ASP A 89 -10.06 24.60 -1.22
N ALA A 90 -8.99 23.79 -1.12
CA ALA A 90 -7.67 24.41 -1.11
C ALA A 90 -7.39 25.04 -2.46
N ALA A 91 -7.76 24.34 -3.54
CA ALA A 91 -7.50 24.88 -4.88
C ALA A 91 -8.33 26.18 -5.04
N ALA A 92 -9.64 26.15 -4.67
CA ALA A 92 -10.45 27.38 -4.77
C ALA A 92 -9.89 28.57 -3.98
N LEU A 93 -9.50 28.36 -2.72
CA LEU A 93 -8.87 29.40 -1.89
C LEU A 93 -7.61 29.98 -2.44
N ASN A 94 -6.74 29.12 -2.97
CA ASN A 94 -5.54 29.59 -3.66
C ASN A 94 -5.79 30.46 -4.89
N ILE A 95 -6.69 30.03 -5.77
CA ILE A 95 -6.97 30.72 -7.02
C ILE A 95 -7.63 32.09 -6.70
N LEU A 96 -8.56 32.10 -5.75
CA LEU A 96 -9.31 33.30 -5.35
C LEU A 96 -8.43 34.31 -4.57
N ALA A 97 -7.28 33.84 -4.09
CA ALA A 97 -6.27 34.67 -3.49
C ALA A 97 -5.62 35.56 -4.52
N LEU A 98 -5.69 35.20 -5.81
CA LEU A 98 -5.11 36.05 -6.85
C LEU A 98 -6.07 37.24 -7.22
N SER A 99 -5.54 38.33 -7.80
CA SER A 99 -6.41 39.41 -8.34
C SER A 99 -7.20 38.80 -9.48
N PRO A 100 -8.41 39.31 -9.83
CA PRO A 100 -9.24 38.66 -10.88
C PRO A 100 -8.55 38.43 -12.24
N PRO A 101 -7.71 39.36 -12.70
CA PRO A 101 -7.10 39.07 -14.02
C PRO A 101 -6.17 37.85 -13.97
N ALA A 102 -5.44 37.73 -12.85
CA ALA A 102 -4.45 36.64 -12.67
C ALA A 102 -5.22 35.28 -12.55
N GLN A 103 -6.36 35.31 -11.84
CA GLN A 103 -7.30 34.23 -11.77
C GLN A 103 -7.78 33.81 -13.13
N ASN A 104 -8.18 34.75 -13.97
CA ASN A 104 -8.56 34.38 -15.36
C ASN A 104 -7.45 33.73 -16.12
N LEU A 105 -6.21 34.16 -15.90
CA LEU A 105 -5.12 33.56 -16.68
C LEU A 105 -4.79 32.13 -16.18
N LEU A 106 -5.04 31.89 -14.90
CA LEU A 106 -4.82 30.57 -14.35
C LEU A 106 -5.89 29.63 -14.90
N LEU A 107 -7.15 30.09 -14.85
CA LEU A 107 -8.24 29.23 -15.37
C LEU A 107 -8.10 28.97 -16.88
N LYS A 108 -7.71 29.99 -17.64
CA LYS A 108 -7.45 29.83 -19.02
C LYS A 108 -6.31 28.87 -19.31
N SER A 109 -5.21 28.94 -18.55
CA SER A 109 -4.13 27.96 -18.70
C SER A 109 -4.69 26.54 -18.78
N TYR A 110 -5.60 26.25 -17.88
CA TYR A 110 -6.18 24.88 -17.83
C TYR A 110 -7.27 24.56 -18.85
N PHE A 111 -8.25 25.46 -18.93
CA PHE A 111 -9.56 25.17 -19.51
C PHE A 111 -9.75 25.69 -20.95
N SER A 112 -8.99 26.72 -21.29
CA SER A 112 -9.15 27.31 -22.56
C SER A 112 -8.35 26.60 -23.68
N GLU A 113 -8.71 26.87 -24.93
CA GLU A 113 -7.91 26.51 -26.11
C GLU A 113 -6.61 27.25 -26.21
N GLU A 114 -6.45 28.37 -25.52
CA GLU A 114 -5.09 29.01 -25.48
C GLU A 114 -4.20 28.34 -24.42
N GLY A 115 -4.82 27.43 -23.67
CA GLY A 115 -4.18 26.74 -22.54
C GLY A 115 -4.22 25.26 -22.93
N ILE A 116 -4.40 24.37 -21.95
CA ILE A 116 -4.21 22.95 -22.30
C ILE A 116 -5.50 22.17 -22.34
N GLY A 117 -6.65 22.85 -22.34
CA GLY A 117 -7.86 22.15 -22.71
C GLY A 117 -8.41 21.06 -21.79
N TYR A 118 -8.37 21.27 -20.49
CA TYR A 118 -8.92 20.24 -19.55
C TYR A 118 -10.43 20.08 -19.85
N ASN A 119 -10.97 18.89 -19.68
CA ASN A 119 -12.39 18.74 -19.85
C ASN A 119 -13.03 17.93 -18.67
N ILE A 120 -12.31 17.77 -17.55
CA ILE A 120 -12.80 17.08 -16.36
C ILE A 120 -12.44 17.89 -15.11
N ILE A 121 -13.41 17.94 -14.22
CA ILE A 121 -13.25 18.58 -12.92
C ILE A 121 -13.86 17.64 -11.87
N ARG A 122 -12.99 17.17 -10.97
CA ARG A 122 -13.45 16.40 -9.80
C ARG A 122 -13.74 17.37 -8.70
N VAL A 123 -14.94 17.21 -8.12
CA VAL A 123 -15.52 17.98 -7.05
C VAL A 123 -15.78 17.11 -5.82
N PRO A 124 -15.07 17.38 -4.68
CA PRO A 124 -15.36 16.67 -3.46
C PRO A 124 -16.77 17.01 -3.01
N MET A 125 -17.43 16.07 -2.40
CA MET A 125 -18.73 16.37 -1.81
C MET A 125 -18.44 16.65 -0.34
N ALA A 126 -18.44 17.96 -0.02
CA ALA A 126 -18.05 18.50 1.30
C ALA A 126 -16.54 18.33 1.52
N SER A 127 -16.10 18.25 2.79
CA SER A 127 -14.69 18.39 3.11
C SER A 127 -13.78 17.18 2.94
N CYS A 128 -12.52 17.46 2.63
CA CYS A 128 -11.51 16.45 2.62
C CYS A 128 -10.26 16.98 3.38
N ASP A 129 -9.11 16.38 3.21
CA ASP A 129 -7.90 16.90 3.86
C ASP A 129 -7.52 18.31 3.30
N PHE A 130 -7.75 18.51 2.00
CA PHE A 130 -7.57 19.81 1.31
C PHE A 130 -8.74 20.76 1.49
N SER A 131 -9.11 20.86 2.76
CA SER A 131 -10.10 21.75 3.29
C SER A 131 -9.45 22.44 4.52
N ILE A 132 -9.88 23.67 4.83
CA ILE A 132 -9.38 24.23 6.09
C ILE A 132 -10.34 24.03 7.26
N ARG A 133 -11.50 23.45 7.02
CA ARG A 133 -12.54 23.26 8.01
C ARG A 133 -13.13 21.84 7.82
N THR A 134 -13.49 21.12 8.87
CA THR A 134 -14.21 19.88 8.66
C THR A 134 -15.71 20.12 8.69
N TYR A 135 -16.43 19.56 7.73
CA TYR A 135 -17.92 19.78 7.62
C TYR A 135 -18.50 18.74 6.67
N THR A 136 -19.78 18.43 6.85
CA THR A 136 -20.51 17.77 5.81
C THR A 136 -21.66 18.67 5.41
N TYR A 137 -22.54 18.19 4.54
CA TYR A 137 -23.72 18.95 4.18
C TYR A 137 -24.92 18.72 5.12
N ALA A 138 -24.77 17.80 6.06
CA ALA A 138 -25.89 17.49 6.97
C ALA A 138 -25.35 17.18 8.34
N ASP A 139 -24.77 18.18 8.99
CA ASP A 139 -24.16 18.03 10.33
C ASP A 139 -25.13 18.05 11.52
N THR A 140 -26.38 18.40 11.32
CA THR A 140 -27.37 18.33 12.41
C THR A 140 -27.62 16.89 12.73
N PRO A 141 -27.39 16.52 13.99
CA PRO A 141 -27.42 15.09 14.29
C PRO A 141 -28.80 14.47 14.05
N ASP A 142 -28.79 13.22 13.61
CA ASP A 142 -29.96 12.41 13.42
C ASP A 142 -30.96 12.98 12.49
N ASP A 143 -30.53 13.88 11.60
CA ASP A 143 -31.38 14.41 10.57
C ASP A 143 -31.60 13.41 9.43
N PHE A 144 -32.22 12.27 9.76
CA PHE A 144 -32.49 11.22 8.74
C PHE A 144 -33.31 11.71 7.57
N GLN A 145 -34.20 12.69 7.77
CA GLN A 145 -34.99 13.25 6.63
C GLN A 145 -34.12 14.13 5.73
N LEU A 146 -32.98 14.60 6.26
CA LEU A 146 -32.08 15.51 5.55
C LEU A 146 -32.77 16.88 5.36
N HIS A 147 -33.61 17.28 6.32
CA HIS A 147 -34.24 18.62 6.26
C HIS A 147 -33.22 19.72 6.33
N ASN A 148 -32.15 19.47 7.05
CA ASN A 148 -31.14 20.49 7.19
C ASN A 148 -29.95 20.33 6.29
N PHE A 149 -30.11 19.60 5.20
CA PHE A 149 -29.04 19.45 4.25
C PHE A 149 -28.77 20.80 3.59
N SER A 150 -27.52 21.25 3.51
CA SER A 150 -27.29 22.44 2.68
C SER A 150 -25.84 22.66 2.30
N LEU A 151 -25.60 23.33 1.18
CA LEU A 151 -24.24 23.72 0.79
C LEU A 151 -23.71 24.94 1.58
N PRO A 152 -22.52 24.83 2.17
CA PRO A 152 -22.04 26.03 2.83
C PRO A 152 -21.36 26.98 1.80
N GLU A 153 -20.75 28.04 2.27
CA GLU A 153 -20.02 28.95 1.41
C GLU A 153 -18.79 28.39 0.68
N GLU A 154 -18.14 27.35 1.21
CA GLU A 154 -17.10 26.62 0.44
C GLU A 154 -17.63 26.26 -0.92
N ASP A 155 -18.88 25.81 -0.99
CA ASP A 155 -19.49 25.54 -2.27
C ASP A 155 -20.01 26.83 -2.98
N THR A 156 -20.85 27.60 -2.29
CA THR A 156 -21.67 28.63 -2.98
C THR A 156 -20.85 29.89 -3.33
N LYS A 157 -19.83 30.20 -2.55
CA LYS A 157 -18.98 31.33 -2.81
C LYS A 157 -17.59 30.94 -3.39
N LEU A 158 -17.10 29.71 -3.20
CA LEU A 158 -15.74 29.39 -3.70
C LEU A 158 -15.79 28.46 -4.91
N LYS A 159 -16.19 27.20 -4.71
CA LYS A 159 -16.13 26.18 -5.74
C LYS A 159 -17.11 26.42 -6.89
N ILE A 160 -18.36 26.70 -6.53
CA ILE A 160 -19.41 26.78 -7.61
C ILE A 160 -19.09 27.96 -8.62
N PRO A 161 -18.81 29.14 -8.11
CA PRO A 161 -18.45 30.20 -9.08
C PRO A 161 -17.19 29.94 -9.96
N LEU A 162 -16.15 29.33 -9.38
CA LEU A 162 -14.96 28.97 -10.15
C LEU A 162 -15.23 27.90 -11.17
N ILE A 163 -16.02 26.90 -10.83
CA ILE A 163 -16.43 25.93 -11.83
C ILE A 163 -17.22 26.56 -13.01
N HIS A 164 -18.14 27.48 -12.70
CA HIS A 164 -18.75 28.33 -13.73
C HIS A 164 -17.77 29.13 -14.60
N ARG A 165 -16.83 29.86 -14.01
CA ARG A 165 -15.78 30.52 -14.85
C ARG A 165 -15.08 29.53 -15.77
N ALA A 166 -14.65 28.38 -15.20
CA ALA A 166 -14.01 27.33 -15.99
C ALA A 166 -14.87 26.82 -17.18
N LEU A 167 -16.18 26.62 -16.97
CA LEU A 167 -17.00 26.18 -18.07
C LEU A 167 -17.14 27.31 -19.12
N GLN A 168 -17.20 28.57 -18.69
CA GLN A 168 -17.30 29.67 -19.64
C GLN A 168 -16.04 29.83 -20.47
N LEU A 169 -14.87 29.53 -19.91
CA LEU A 169 -13.62 29.70 -20.66
C LEU A 169 -13.37 28.52 -21.62
N ALA A 170 -14.04 27.40 -21.38
CA ALA A 170 -13.68 26.15 -22.01
C ALA A 170 -14.21 26.09 -23.42
N GLN A 171 -13.40 25.64 -24.38
CA GLN A 171 -13.99 25.27 -25.73
C GLN A 171 -14.70 23.91 -25.74
N ARG A 172 -14.12 22.92 -25.08
CA ARG A 172 -14.72 21.62 -25.03
C ARG A 172 -15.74 21.51 -23.90
N PRO A 173 -16.79 20.65 -24.06
CA PRO A 173 -17.71 20.34 -22.97
C PRO A 173 -16.92 19.75 -21.77
N VAL A 174 -17.23 20.22 -20.57
CA VAL A 174 -16.46 19.83 -19.41
C VAL A 174 -17.32 18.86 -18.63
N SER A 175 -16.73 17.74 -18.14
CA SER A 175 -17.48 16.74 -17.32
C SER A 175 -17.11 16.86 -15.85
N LEU A 176 -18.14 17.03 -15.00
CA LEU A 176 -17.95 17.10 -13.56
C LEU A 176 -18.06 15.70 -12.96
N LEU A 177 -17.14 15.40 -12.03
CA LEU A 177 -17.08 14.09 -11.35
C LEU A 177 -17.12 14.36 -9.84
N ALA A 178 -18.11 13.84 -9.10
CA ALA A 178 -18.16 14.09 -7.65
C ALA A 178 -17.72 12.85 -6.82
N SER A 179 -17.10 13.09 -5.66
CA SER A 179 -16.74 12.01 -4.76
C SER A 179 -16.88 12.48 -3.34
N PRO A 180 -17.49 11.67 -2.45
CA PRO A 180 -17.43 12.02 -1.03
C PRO A 180 -16.22 11.37 -0.28
N TRP A 181 -15.73 12.03 0.77
CA TRP A 181 -14.67 11.46 1.66
C TRP A 181 -15.37 10.87 2.87
N THR A 182 -16.24 11.64 3.53
CA THR A 182 -16.93 11.14 4.71
C THR A 182 -18.41 11.44 4.63
N SER A 183 -19.19 10.64 5.33
CA SER A 183 -20.58 11.01 5.62
C SER A 183 -20.69 11.87 6.89
N PRO A 184 -21.91 12.41 7.13
CA PRO A 184 -22.18 13.00 8.48
C PRO A 184 -21.75 11.99 9.55
N THR A 185 -21.20 12.46 10.66
CA THR A 185 -20.67 11.51 11.64
C THR A 185 -21.74 10.68 12.41
N TRP A 186 -22.99 11.16 12.45
CA TRP A 186 -24.07 10.49 13.16
C TRP A 186 -24.52 9.27 12.30
N LEU A 187 -23.96 9.14 11.08
CA LEU A 187 -24.21 7.95 10.28
C LEU A 187 -23.13 6.88 10.46
N LYS A 188 -22.06 7.22 11.22
CA LYS A 188 -20.86 6.39 11.23
C LYS A 188 -20.64 5.58 12.54
N THR A 189 -20.11 4.36 12.41
CA THR A 189 -19.80 3.53 13.59
C THR A 189 -18.92 4.23 14.63
N ASN A 190 -18.01 5.11 14.22
CA ASN A 190 -17.05 5.69 15.19
C ASN A 190 -17.39 7.13 15.56
N GLY A 191 -18.47 7.67 15.01
CA GLY A 191 -18.86 9.05 15.31
C GLY A 191 -17.82 10.12 14.98
N ALA A 192 -16.93 9.92 14.01
CA ALA A 192 -15.90 10.95 13.73
C ALA A 192 -15.63 10.99 12.24
N VAL A 193 -15.16 12.12 11.70
CA VAL A 193 -15.02 12.28 10.24
C VAL A 193 -13.89 11.37 9.67
N ASN A 194 -12.90 11.05 10.54
CA ASN A 194 -11.69 10.32 10.25
C ASN A 194 -11.57 9.03 11.10
N GLY A 195 -10.41 8.35 11.11
CA GLY A 195 -10.35 7.13 11.90
C GLY A 195 -10.97 5.94 11.25
N LYS A 196 -10.87 4.80 11.89
CA LYS A 196 -11.46 3.61 11.33
C LYS A 196 -12.98 3.61 11.59
N GLY A 197 -13.75 3.50 10.54
CA GLY A 197 -15.21 3.48 10.73
C GLY A 197 -15.98 3.44 9.44
N SER A 198 -17.20 2.92 9.51
CA SER A 198 -18.02 2.76 8.36
C SER A 198 -19.46 3.22 8.65
N LEU A 199 -20.36 3.06 7.67
CA LEU A 199 -21.76 3.34 7.92
C LEU A 199 -22.27 2.36 9.00
N LYS A 200 -23.12 2.81 9.93
CA LYS A 200 -23.73 1.91 10.89
C LYS A 200 -24.68 0.99 10.17
N GLY A 201 -24.99 -0.17 10.73
CA GLY A 201 -26.04 -1.04 10.14
C GLY A 201 -25.53 -1.81 8.95
N GLN A 202 -26.40 -2.11 8.00
CA GLN A 202 -26.01 -2.90 6.86
C GLN A 202 -26.77 -2.36 5.67
N PRO A 203 -26.21 -2.53 4.46
CA PRO A 203 -26.94 -2.01 3.27
C PRO A 203 -28.42 -2.42 3.25
N GLY A 204 -29.24 -1.52 2.80
CA GLY A 204 -30.67 -1.78 2.76
C GLY A 204 -31.39 -1.09 3.91
N ASP A 205 -30.64 -0.60 4.92
CA ASP A 205 -31.28 -0.07 6.12
C ASP A 205 -31.36 1.45 6.10
N ILE A 206 -31.90 2.03 7.16
CA ILE A 206 -32.15 3.50 7.18
C ILE A 206 -30.85 4.33 7.08
N TYR A 207 -29.74 3.85 7.66
CA TYR A 207 -28.50 4.55 7.50
C TYR A 207 -28.05 4.63 6.05
N HIS A 208 -28.17 3.51 5.33
CA HIS A 208 -27.67 3.37 3.96
C HIS A 208 -28.61 4.09 2.98
N GLN A 209 -29.92 3.96 3.23
CA GLN A 209 -30.91 4.73 2.59
C GLN A 209 -30.68 6.26 2.73
N THR A 210 -30.44 6.75 3.93
CA THR A 210 -30.10 8.17 4.12
C THR A 210 -28.83 8.60 3.38
N TRP A 211 -27.79 7.78 3.50
CA TRP A 211 -26.52 8.08 2.81
C TRP A 211 -26.74 8.14 1.29
N ALA A 212 -27.50 7.22 0.71
CA ALA A 212 -27.81 7.31 -0.72
C ALA A 212 -28.66 8.59 -1.05
N ARG A 213 -29.62 8.93 -0.21
CA ARG A 213 -30.40 10.18 -0.41
C ARG A 213 -29.54 11.46 -0.37
N TYR A 214 -28.52 11.45 0.48
CA TYR A 214 -27.53 12.52 0.49
C TYR A 214 -26.87 12.78 -0.86
N PHE A 215 -26.54 11.72 -1.60
CA PHE A 215 -26.01 11.92 -2.94
C PHE A 215 -27.05 12.68 -3.84
N VAL A 216 -28.30 12.28 -3.75
CA VAL A 216 -29.35 12.91 -4.59
C VAL A 216 -29.51 14.39 -4.18
N LYS A 217 -29.52 14.67 -2.87
CA LYS A 217 -29.57 16.05 -2.35
C LYS A 217 -28.40 16.95 -2.81
N PHE A 218 -27.21 16.35 -2.85
CA PHE A 218 -26.00 17.05 -3.36
C PHE A 218 -26.21 17.37 -4.83
N LEU A 219 -26.61 16.38 -5.63
CA LEU A 219 -26.92 16.63 -7.04
C LEU A 219 -28.05 17.68 -7.26
N ASP A 220 -29.14 17.58 -6.49
CA ASP A 220 -30.22 18.58 -6.54
C ASP A 220 -29.67 19.93 -6.28
N ALA A 221 -28.83 20.05 -5.22
CA ALA A 221 -28.29 21.37 -4.80
C ALA A 221 -27.39 22.05 -5.85
N TYR A 222 -26.48 21.26 -6.43
CA TYR A 222 -25.63 21.69 -7.52
C TYR A 222 -26.46 22.03 -8.79
N ALA A 223 -27.52 21.26 -9.04
CA ALA A 223 -28.40 21.54 -10.20
C ALA A 223 -29.14 22.88 -10.02
N GLU A 224 -29.54 23.22 -8.80
CA GLU A 224 -30.03 24.56 -8.50
C GLU A 224 -29.02 25.65 -8.82
N HIS A 225 -27.74 25.31 -8.85
CA HIS A 225 -26.75 26.30 -9.19
C HIS A 225 -26.31 26.11 -10.63
N LYS A 226 -27.18 25.43 -11.39
CA LYS A 226 -27.01 25.16 -12.81
C LYS A 226 -25.75 24.36 -13.15
N LEU A 227 -25.36 23.45 -12.25
CA LEU A 227 -24.27 22.55 -12.54
C LEU A 227 -24.82 21.14 -12.50
N GLN A 228 -24.45 20.40 -13.50
CA GLN A 228 -24.85 19.03 -13.64
C GLN A 228 -23.59 18.10 -13.71
N PHE A 229 -23.74 16.87 -13.22
CA PHE A 229 -22.63 15.93 -13.14
C PHE A 229 -22.59 14.90 -14.23
N TRP A 230 -21.41 14.60 -14.76
CA TRP A 230 -21.22 13.46 -15.60
C TRP A 230 -21.30 12.16 -14.78
N ALA A 231 -20.58 12.12 -13.64
CA ALA A 231 -20.41 10.88 -12.84
C ALA A 231 -20.22 11.16 -11.40
N VAL A 232 -20.58 10.22 -10.50
CA VAL A 232 -20.15 10.25 -9.09
C VAL A 232 -19.39 8.92 -8.83
N THR A 233 -18.48 8.90 -7.84
CA THR A 233 -17.89 7.66 -7.32
C THR A 233 -18.64 7.28 -6.06
N ALA A 234 -18.58 6.00 -5.71
CA ALA A 234 -19.41 5.47 -4.64
C ALA A 234 -18.77 5.80 -3.25
N GLU A 235 -17.51 6.20 -3.27
CA GLU A 235 -16.79 6.66 -2.09
C GLU A 235 -15.35 6.97 -2.52
N ASN A 236 -14.73 8.05 -2.03
CA ASN A 236 -13.27 8.22 -2.28
C ASN A 236 -12.46 7.20 -1.47
N GLU A 237 -11.57 6.39 -2.06
CA GLU A 237 -10.73 5.50 -1.25
C GLU A 237 -11.47 4.78 -0.09
N PRO A 238 -12.48 3.97 -0.44
CA PRO A 238 -13.21 3.22 0.65
C PRO A 238 -12.21 2.42 1.58
N SER A 239 -11.05 2.03 1.06
CA SER A 239 -10.16 1.23 1.92
C SER A 239 -9.58 2.01 3.11
N ALA A 240 -9.50 3.34 3.00
CA ALA A 240 -8.90 4.18 4.02
C ALA A 240 -9.64 4.04 5.34
N GLY A 241 -10.97 4.01 5.27
CA GLY A 241 -11.74 3.96 6.52
C GLY A 241 -11.69 2.62 7.16
N LEU A 242 -11.03 1.67 6.52
CA LEU A 242 -10.77 0.34 7.18
C LEU A 242 -9.48 0.35 8.01
N LEU A 243 -8.79 1.50 8.09
CA LEU A 243 -7.45 1.56 8.67
C LEU A 243 -7.45 2.33 9.99
N SER A 244 -6.91 1.71 11.03
CA SER A 244 -6.97 2.27 12.34
C SER A 244 -6.20 3.57 12.37
N GLY A 245 -6.83 4.59 12.96
CA GLY A 245 -6.32 5.91 13.04
C GLY A 245 -6.22 6.71 11.75
N TYR A 246 -6.92 6.33 10.66
CA TYR A 246 -6.74 7.04 9.39
C TYR A 246 -6.90 8.55 9.64
N PRO A 247 -5.93 9.40 9.21
CA PRO A 247 -5.88 10.76 9.79
C PRO A 247 -6.94 11.79 9.26
N PHE A 248 -7.49 11.59 8.09
CA PHE A 248 -8.45 12.54 7.65
C PHE A 248 -9.73 11.88 7.20
N GLN A 249 -10.63 12.68 6.64
CA GLN A 249 -12.00 12.23 6.31
C GLN A 249 -11.98 10.95 5.47
N CYS A 250 -12.79 9.99 5.86
CA CYS A 250 -12.83 8.71 5.20
C CYS A 250 -14.12 7.97 5.60
N LEU A 251 -14.40 6.84 4.96
CA LEU A 251 -15.62 6.09 5.24
C LEU A 251 -15.34 4.71 4.69
N GLY A 252 -15.13 3.72 5.56
CA GLY A 252 -14.64 2.42 5.07
C GLY A 252 -15.71 1.50 4.52
N PHE A 253 -15.40 0.83 3.42
CA PHE A 253 -16.21 -0.21 2.85
C PHE A 253 -15.24 -1.34 2.45
N THR A 254 -15.59 -2.58 2.82
CA THR A 254 -15.01 -3.77 2.13
C THR A 254 -15.64 -3.82 0.74
N PRO A 255 -15.05 -4.65 -0.17
CA PRO A 255 -15.72 -4.77 -1.48
C PRO A 255 -17.14 -5.33 -1.38
N GLU A 256 -17.43 -6.17 -0.41
CA GLU A 256 -18.80 -6.76 -0.27
C GLU A 256 -19.81 -5.68 0.19
N HIS A 257 -19.33 -4.83 1.10
CA HIS A 257 -20.11 -3.74 1.63
C HIS A 257 -20.41 -2.75 0.49
N GLN A 258 -19.39 -2.43 -0.29
CA GLN A 258 -19.63 -1.60 -1.44
C GLN A 258 -20.60 -2.25 -2.48
N ARG A 259 -20.36 -3.50 -2.88
CA ARG A 259 -21.34 -4.27 -3.71
C ARG A 259 -22.80 -4.09 -3.23
N ASP A 260 -23.06 -4.36 -1.94
CA ASP A 260 -24.43 -4.41 -1.48
C ASP A 260 -25.03 -2.99 -1.26
N PHE A 261 -24.19 -1.99 -0.93
CA PHE A 261 -24.62 -0.59 -0.87
C PHE A 261 -25.12 -0.08 -2.24
N ILE A 262 -24.31 -0.32 -3.29
CA ILE A 262 -24.66 0.06 -4.66
C ILE A 262 -25.95 -0.70 -5.12
N ALA A 263 -26.02 -2.02 -4.87
CA ALA A 263 -27.17 -2.85 -5.24
C ALA A 263 -28.54 -2.43 -4.60
N ARG A 264 -28.54 -2.20 -3.28
CA ARG A 264 -29.76 -1.99 -2.53
C ARG A 264 -30.09 -0.52 -2.30
N ASP A 265 -29.08 0.38 -2.25
CA ASP A 265 -29.31 1.80 -1.81
C ASP A 265 -28.94 2.79 -2.91
N LEU A 266 -27.65 2.86 -3.20
CA LEU A 266 -27.19 3.96 -4.08
C LEU A 266 -27.63 3.81 -5.55
N GLY A 267 -27.54 2.63 -6.13
CA GLY A 267 -27.94 2.52 -7.53
C GLY A 267 -29.43 2.84 -7.76
N PRO A 268 -30.35 2.18 -7.00
CA PRO A 268 -31.80 2.45 -7.08
C PRO A 268 -32.15 3.86 -6.72
N THR A 269 -31.46 4.48 -5.76
CA THR A 269 -31.80 5.86 -5.40
C THR A 269 -31.50 6.86 -6.52
N LEU A 270 -30.33 6.72 -7.15
CA LEU A 270 -30.00 7.50 -8.32
C LEU A 270 -30.88 7.17 -9.53
N ALA A 271 -31.08 5.88 -9.82
CA ALA A 271 -31.98 5.47 -10.94
C ALA A 271 -33.39 6.04 -10.78
N ASN A 272 -33.93 6.14 -9.57
CA ASN A 272 -35.27 6.71 -9.33
C ASN A 272 -35.30 8.23 -9.16
N SER A 273 -34.18 8.93 -9.36
CA SER A 273 -34.14 10.38 -9.19
C SER A 273 -34.12 11.06 -10.56
N THR A 274 -34.27 12.37 -10.57
CA THR A 274 -34.17 13.06 -11.85
C THR A 274 -32.77 12.93 -12.40
N HIS A 275 -31.81 12.38 -11.61
CA HIS A 275 -30.39 12.34 -12.00
C HIS A 275 -29.98 10.95 -12.45
N HIS A 276 -30.98 10.19 -12.92
CA HIS A 276 -30.74 8.79 -13.39
C HIS A 276 -29.64 8.66 -14.50
N ASN A 277 -29.32 9.75 -15.21
CA ASN A 277 -28.30 9.68 -16.25
C ASN A 277 -26.91 9.85 -15.76
N VAL A 278 -26.75 10.29 -14.51
CA VAL A 278 -25.43 10.45 -13.90
C VAL A 278 -24.70 9.05 -13.82
N ARG A 279 -23.50 8.89 -14.38
CA ARG A 279 -22.81 7.60 -14.25
C ARG A 279 -22.29 7.35 -12.80
N LEU A 280 -22.26 6.09 -12.34
CA LEU A 280 -21.71 5.69 -11.05
C LEU A 280 -20.41 4.94 -11.28
N LEU A 281 -19.32 5.41 -10.66
CA LEU A 281 -18.07 4.69 -10.69
C LEU A 281 -17.79 4.02 -9.36
N MET A 282 -17.36 2.76 -9.42
CA MET A 282 -17.00 2.02 -8.22
C MET A 282 -15.47 2.13 -7.93
N LEU A 283 -15.09 1.60 -6.77
CA LEU A 283 -13.68 1.52 -6.31
C LEU A 283 -13.13 2.92 -5.92
N ASP A 284 -12.64 3.70 -6.88
CA ASP A 284 -12.05 5.02 -6.58
C ASP A 284 -10.88 4.82 -5.55
N ASP A 285 -10.01 3.84 -5.84
CA ASP A 285 -9.01 3.43 -4.85
C ASP A 285 -7.82 2.83 -5.62
N GLN A 286 -6.79 2.37 -4.90
CA GLN A 286 -5.53 1.94 -5.50
C GLN A 286 -5.78 0.76 -6.49
N ARG A 287 -5.07 0.72 -7.63
CA ARG A 287 -5.26 -0.38 -8.59
C ARG A 287 -4.85 -1.77 -8.13
N LEU A 288 -3.98 -1.89 -7.13
CA LEU A 288 -3.75 -3.20 -6.58
C LEU A 288 -4.99 -3.87 -6.01
N LEU A 289 -6.09 -3.12 -5.78
CA LEU A 289 -7.37 -3.70 -5.36
C LEU A 289 -8.11 -4.42 -6.53
N LEU A 290 -7.52 -4.29 -7.74
CA LEU A 290 -8.06 -4.94 -8.93
C LEU A 290 -7.19 -6.18 -9.22
N PRO A 291 -7.76 -7.25 -9.77
CA PRO A 291 -9.16 -7.36 -10.20
C PRO A 291 -10.15 -7.78 -9.08
N HIS A 292 -9.68 -8.10 -7.87
CA HIS A 292 -10.56 -8.65 -6.78
C HIS A 292 -11.85 -7.82 -6.57
N TRP A 293 -11.70 -6.49 -6.42
CA TRP A 293 -12.88 -5.63 -6.15
C TRP A 293 -13.92 -5.65 -7.31
N ALA A 294 -13.43 -5.67 -8.56
CA ALA A 294 -14.28 -5.73 -9.74
C ALA A 294 -15.08 -7.08 -9.76
N LYS A 295 -14.40 -8.16 -9.39
CA LYS A 295 -15.02 -9.49 -9.31
C LYS A 295 -16.08 -9.53 -8.22
N VAL A 296 -15.80 -9.00 -7.02
CA VAL A 296 -16.83 -8.98 -5.97
C VAL A 296 -18.03 -8.12 -6.41
N VAL A 297 -17.80 -6.90 -6.90
CA VAL A 297 -18.97 -6.03 -7.22
C VAL A 297 -19.71 -6.45 -8.53
N LEU A 298 -18.95 -6.69 -9.59
CA LEU A 298 -19.54 -6.85 -10.92
C LEU A 298 -20.06 -8.27 -11.24
N THR A 299 -19.72 -9.28 -10.42
CA THR A 299 -20.35 -10.57 -10.61
C THR A 299 -21.76 -10.68 -9.91
N ASP A 300 -22.15 -9.69 -9.11
CA ASP A 300 -23.49 -9.64 -8.58
C ASP A 300 -24.32 -8.83 -9.61
N PRO A 301 -25.22 -9.49 -10.34
CA PRO A 301 -25.97 -8.74 -11.37
C PRO A 301 -26.83 -7.60 -10.84
N GLU A 302 -27.28 -7.66 -9.59
CA GLU A 302 -27.96 -6.51 -9.00
C GLU A 302 -27.06 -5.28 -8.81
N ALA A 303 -25.77 -5.47 -8.50
CA ALA A 303 -24.82 -4.32 -8.42
C ALA A 303 -24.28 -3.85 -9.79
N ALA A 304 -23.91 -4.83 -10.62
CA ALA A 304 -23.38 -4.57 -11.93
C ALA A 304 -24.30 -3.72 -12.76
N LYS A 305 -25.63 -3.85 -12.65
CA LYS A 305 -26.47 -3.07 -13.56
C LYS A 305 -26.39 -1.59 -13.34
N TYR A 306 -25.90 -1.18 -12.17
CA TYR A 306 -25.75 0.27 -11.87
C TYR A 306 -24.33 0.81 -12.07
N VAL A 307 -23.37 -0.06 -12.35
CA VAL A 307 -21.96 0.41 -12.32
C VAL A 307 -21.46 0.71 -13.74
N HIS A 308 -21.14 1.96 -14.02
CA HIS A 308 -20.69 2.34 -15.34
C HIS A 308 -19.21 2.09 -15.47
N GLY A 309 -18.42 2.35 -14.42
CA GLY A 309 -16.99 2.16 -14.52
C GLY A 309 -16.27 1.98 -13.19
N ILE A 310 -14.94 1.87 -13.28
CA ILE A 310 -14.08 1.63 -12.15
C ILE A 310 -13.04 2.77 -12.08
N ALA A 311 -13.02 3.51 -10.98
CA ALA A 311 -12.05 4.58 -10.74
C ALA A 311 -10.77 4.08 -9.98
N VAL A 312 -9.60 4.43 -10.49
CA VAL A 312 -8.38 4.04 -9.85
C VAL A 312 -7.49 5.25 -9.48
N HIS A 313 -6.74 5.07 -8.38
CA HIS A 313 -5.75 6.04 -7.90
C HIS A 313 -4.33 5.41 -8.00
N TRP A 314 -3.32 6.26 -8.05
CA TRP A 314 -2.02 5.82 -8.48
C TRP A 314 -1.00 5.49 -7.32
N TYR A 315 -1.42 5.59 -6.05
CA TYR A 315 -0.47 5.74 -4.94
C TYR A 315 0.32 4.49 -4.63
N LEU A 316 -0.22 3.33 -4.98
CA LEU A 316 0.54 2.12 -4.79
C LEU A 316 0.84 1.44 -6.11
N ASP A 317 1.02 2.21 -7.19
CA ASP A 317 1.30 1.62 -8.51
C ASP A 317 2.63 0.89 -8.53
N PHE A 318 3.55 1.33 -7.69
CA PHE A 318 4.88 0.68 -7.64
C PHE A 318 4.77 -0.80 -7.25
N LEU A 319 3.79 -1.17 -6.45
CA LEU A 319 3.46 -2.57 -6.08
C LEU A 319 2.51 -3.33 -7.08
N ALA A 320 1.94 -2.64 -8.08
CA ALA A 320 0.81 -3.17 -8.81
C ALA A 320 1.08 -3.07 -10.28
N PRO A 321 1.70 -4.09 -10.88
CA PRO A 321 1.95 -4.14 -12.35
C PRO A 321 0.67 -3.90 -13.16
N ALA A 322 0.72 -3.00 -14.14
CA ALA A 322 -0.51 -2.59 -14.86
C ALA A 322 -1.18 -3.78 -15.53
N LYS A 323 -0.37 -4.69 -16.05
CA LYS A 323 -0.92 -5.88 -16.68
C LYS A 323 -1.75 -6.79 -15.75
N ALA A 324 -1.28 -7.00 -14.51
CA ALA A 324 -1.97 -7.92 -13.63
C ALA A 324 -3.20 -7.26 -12.99
N THR A 325 -3.32 -5.91 -13.07
CA THR A 325 -4.35 -5.14 -12.40
C THR A 325 -5.36 -4.59 -13.42
N LEU A 326 -4.97 -3.57 -14.17
CA LEU A 326 -5.76 -2.96 -15.25
C LEU A 326 -6.01 -3.96 -16.38
N GLY A 327 -4.95 -4.60 -16.84
CA GLY A 327 -5.06 -5.52 -18.03
C GLY A 327 -6.01 -6.69 -17.75
N GLU A 328 -5.90 -7.29 -16.58
CA GLU A 328 -6.69 -8.41 -16.17
C GLU A 328 -8.15 -8.00 -15.92
N THR A 329 -8.35 -6.81 -15.35
CA THR A 329 -9.71 -6.27 -15.18
C THR A 329 -10.45 -6.03 -16.51
N HIS A 330 -9.69 -5.51 -17.47
CA HIS A 330 -10.20 -5.29 -18.78
C HIS A 330 -10.56 -6.62 -19.45
N ARG A 331 -9.67 -7.59 -19.34
CA ARG A 331 -9.93 -8.91 -19.86
C ARG A 331 -11.23 -9.53 -19.26
N LEU A 332 -11.43 -9.39 -17.97
CA LEU A 332 -12.61 -9.96 -17.38
C LEU A 332 -13.84 -9.15 -17.61
N PHE A 333 -13.73 -7.81 -17.64
CA PHE A 333 -14.89 -6.93 -17.64
C PHE A 333 -14.62 -5.85 -18.68
N PRO A 334 -14.47 -6.23 -19.96
CA PRO A 334 -14.13 -5.24 -20.98
C PRO A 334 -15.12 -4.08 -21.15
N ASN A 335 -16.37 -4.27 -20.75
CA ASN A 335 -17.35 -3.22 -21.05
C ASN A 335 -17.50 -2.22 -19.90
N THR A 336 -16.69 -2.37 -18.89
CA THR A 336 -16.77 -1.47 -17.72
C THR A 336 -15.55 -0.57 -17.75
N MET A 337 -15.74 0.70 -18.08
CA MET A 337 -14.59 1.55 -18.28
C MET A 337 -13.71 1.72 -16.99
N LEU A 338 -12.38 1.73 -17.22
CA LEU A 338 -11.37 2.07 -16.22
C LEU A 338 -11.02 3.57 -16.34
N PHE A 339 -10.91 4.29 -15.23
CA PHE A 339 -10.74 5.71 -15.27
C PHE A 339 -9.79 6.11 -14.09
N ALA A 340 -8.71 6.85 -14.36
CA ALA A 340 -7.81 7.30 -13.25
C ALA A 340 -8.30 8.64 -12.72
N SER A 341 -8.75 8.60 -11.45
CA SER A 341 -9.44 9.70 -10.80
C SER A 341 -8.63 10.52 -9.75
N GLU A 342 -7.41 10.11 -9.43
CA GLU A 342 -6.58 10.85 -8.43
C GLU A 342 -5.11 10.50 -8.46
N ALA A 343 -4.28 11.51 -8.67
CA ALA A 343 -2.82 11.33 -8.64
C ALA A 343 -2.19 12.62 -8.09
N CYS A 344 -1.10 12.50 -7.33
CA CYS A 344 -0.25 13.67 -7.07
C CYS A 344 1.07 13.19 -6.55
N VAL A 345 2.14 13.95 -6.77
CA VAL A 345 3.44 13.65 -6.18
C VAL A 345 3.62 14.41 -4.86
N GLY A 346 4.67 14.04 -4.13
CA GLY A 346 5.02 14.67 -2.86
C GLY A 346 4.15 14.20 -1.71
N SER A 347 3.45 13.09 -1.88
CA SER A 347 2.50 12.56 -0.88
C SER A 347 3.15 11.52 0.05
N LYS A 348 4.37 11.03 -0.23
CA LYS A 348 5.04 10.13 0.73
C LYS A 348 5.66 10.96 1.87
N PHE A 349 5.68 10.38 3.08
CA PHE A 349 6.10 11.19 4.27
C PHE A 349 7.56 11.64 4.15
N TRP A 350 8.39 10.88 3.43
CA TRP A 350 9.76 11.32 3.18
C TRP A 350 9.98 12.31 2.04
N GLU A 351 8.94 12.61 1.24
CA GLU A 351 9.18 13.46 0.09
C GLU A 351 8.89 14.88 0.50
N GLN A 352 9.65 15.80 -0.06
CA GLN A 352 9.35 17.23 -0.04
C GLN A 352 8.00 17.46 -0.74
N SER A 353 7.10 18.20 -0.12
CA SER A 353 5.77 18.41 -0.71
C SER A 353 5.83 19.07 -2.10
N VAL A 354 6.48 20.25 -2.19
CA VAL A 354 6.52 21.07 -3.42
C VAL A 354 7.99 21.20 -3.79
N ARG A 355 8.36 20.79 -5.00
CA ARG A 355 9.71 20.98 -5.54
C ARG A 355 9.59 21.81 -6.80
N LEU A 356 9.65 23.13 -6.67
CA LEU A 356 9.41 24.04 -7.81
C LEU A 356 10.35 23.77 -9.02
N GLY A 357 9.77 23.42 -10.17
CA GLY A 357 10.58 23.20 -11.33
C GLY A 357 11.07 21.76 -11.48
N SER A 358 10.62 20.83 -10.65
CA SER A 358 11.06 19.43 -10.79
C SER A 358 10.66 18.71 -12.12
N TRP A 359 11.65 18.30 -12.91
CA TRP A 359 11.41 17.59 -14.17
C TRP A 359 11.00 16.10 -13.90
N ASP A 360 11.63 15.54 -12.88
CA ASP A 360 11.32 14.21 -12.44
C ASP A 360 9.80 14.08 -12.15
N ARG A 361 9.21 15.07 -11.52
CA ARG A 361 7.83 14.92 -11.14
C ARG A 361 6.91 15.05 -12.41
N GLY A 362 7.27 15.92 -13.36
CA GLY A 362 6.59 15.92 -14.61
C GLY A 362 6.65 14.59 -15.30
N MET A 363 7.84 13.97 -15.38
CA MET A 363 8.01 12.63 -15.99
C MET A 363 7.20 11.51 -15.30
N GLN A 364 7.09 11.59 -13.98
CA GLN A 364 6.15 10.69 -13.26
C GLN A 364 4.71 10.82 -13.77
N TYR A 365 4.25 12.06 -14.06
CA TYR A 365 2.89 12.27 -14.59
C TYR A 365 2.70 11.61 -15.98
N SER A 366 3.58 11.95 -16.94
CA SER A 366 3.45 11.40 -18.32
C SER A 366 3.71 9.91 -18.38
N HIS A 367 4.66 9.39 -17.60
CA HIS A 367 4.88 7.97 -17.55
C HIS A 367 3.62 7.20 -17.04
N SER A 368 3.03 7.67 -15.96
CA SER A 368 1.73 7.18 -15.50
C SER A 368 0.65 7.27 -16.56
N ILE A 369 0.43 8.47 -17.14
CA ILE A 369 -0.61 8.62 -18.17
C ILE A 369 -0.46 7.63 -19.34
N ILE A 370 0.76 7.48 -19.84
CA ILE A 370 1.01 6.60 -20.97
C ILE A 370 0.78 5.16 -20.60
N THR A 371 1.26 4.70 -19.44
CA THR A 371 1.00 3.35 -18.96
C THR A 371 -0.52 3.08 -18.75
N ASN A 372 -1.23 4.03 -18.16
CA ASN A 372 -2.67 3.84 -18.04
C ASN A 372 -3.35 3.69 -19.42
N LEU A 373 -3.02 4.54 -20.40
CA LEU A 373 -3.58 4.48 -21.77
C LEU A 373 -3.25 3.15 -22.44
N LEU A 374 -2.04 2.67 -22.20
CA LEU A 374 -1.61 1.41 -22.74
C LEU A 374 -2.32 0.25 -22.07
N TYR A 375 -2.96 0.44 -20.92
CA TYR A 375 -3.79 -0.62 -20.31
C TYR A 375 -5.24 -0.25 -20.10
N HIS A 376 -5.79 0.41 -21.13
CA HIS A 376 -7.21 0.52 -21.34
C HIS A 376 -7.88 1.60 -20.61
N VAL A 377 -7.12 2.38 -19.84
CA VAL A 377 -7.74 3.48 -19.07
C VAL A 377 -8.20 4.64 -19.96
N VAL A 378 -9.42 5.14 -19.70
CA VAL A 378 -10.10 6.09 -20.57
C VAL A 378 -9.89 7.55 -20.17
N GLY A 379 -9.22 7.79 -19.05
CA GLY A 379 -9.07 9.15 -18.58
C GLY A 379 -8.15 9.25 -17.39
N TRP A 380 -7.68 10.46 -17.08
CA TRP A 380 -6.70 10.65 -16.05
C TRP A 380 -6.89 12.02 -15.39
N THR A 381 -7.04 11.99 -14.06
CA THR A 381 -7.41 13.17 -13.30
C THR A 381 -6.33 13.49 -12.27
N ASP A 382 -5.75 14.69 -12.35
CA ASP A 382 -4.85 15.18 -11.38
C ASP A 382 -5.65 15.49 -10.05
N TRP A 383 -4.96 15.75 -8.96
CA TRP A 383 -5.63 16.14 -7.74
C TRP A 383 -5.71 17.68 -7.77
N ASN A 384 -5.36 18.33 -6.68
CA ASN A 384 -5.62 19.80 -6.53
C ASN A 384 -5.16 20.60 -7.78
N LEU A 385 -6.04 21.50 -8.28
CA LEU A 385 -5.71 22.33 -9.47
C LEU A 385 -4.60 23.33 -9.16
N ALA A 386 -4.52 23.76 -7.90
CA ALA A 386 -3.50 24.70 -7.48
C ALA A 386 -3.26 24.53 -5.98
N LEU A 387 -2.05 24.85 -5.55
CA LEU A 387 -1.70 24.85 -4.13
C LEU A 387 -0.80 26.03 -3.81
N ASN A 388 -0.62 26.35 -2.50
CA ASN A 388 0.39 27.36 -2.11
C ASN A 388 1.78 26.74 -2.14
N PRO A 389 2.87 27.56 -1.86
CA PRO A 389 4.23 27.02 -1.99
C PRO A 389 4.57 25.96 -0.96
N GLU A 390 3.75 25.83 0.08
CA GLU A 390 3.89 24.79 1.07
C GLU A 390 3.21 23.41 0.61
N GLY A 391 2.29 23.49 -0.37
CA GLY A 391 1.50 22.36 -0.82
C GLY A 391 0.18 22.29 -0.05
N GLY A 392 -0.29 23.47 0.41
CA GLY A 392 -1.48 23.53 1.27
C GLY A 392 -2.43 24.61 0.78
N PRO A 393 -3.42 25.02 1.60
CA PRO A 393 -3.69 24.62 2.97
C PRO A 393 -4.26 23.18 3.05
N ASN A 394 -4.23 22.60 4.24
CA ASN A 394 -4.59 21.21 4.47
C ASN A 394 -4.74 21.05 5.99
N TRP A 395 -5.96 20.76 6.47
CA TRP A 395 -6.21 20.77 7.92
C TRP A 395 -5.38 19.74 8.71
N VAL A 396 -4.88 18.69 8.05
CA VAL A 396 -4.00 17.76 8.76
C VAL A 396 -2.54 17.84 8.24
N ARG A 397 -2.19 18.91 7.51
CA ARG A 397 -0.81 19.07 7.02
C ARG A 397 -0.37 17.94 6.08
N ASN A 398 -1.33 17.31 5.37
CA ASN A 398 -0.98 16.30 4.36
C ASN A 398 -0.58 16.98 3.01
N PHE A 399 0.39 17.91 3.04
CA PHE A 399 0.78 18.74 1.92
C PHE A 399 1.33 17.91 0.77
N VAL A 400 1.01 18.31 -0.48
CA VAL A 400 1.57 17.55 -1.60
C VAL A 400 1.95 18.61 -2.64
N ASP A 401 2.39 18.18 -3.82
CA ASP A 401 2.69 19.07 -4.95
C ASP A 401 1.46 19.25 -5.89
N SER A 402 1.48 20.31 -6.69
CA SER A 402 0.45 20.62 -7.67
C SER A 402 1.07 21.22 -8.94
N PRO A 403 0.50 20.93 -10.11
CA PRO A 403 1.06 21.54 -11.38
C PRO A 403 1.09 23.06 -11.38
N ILE A 404 0.24 23.68 -10.56
CA ILE A 404 0.26 25.15 -10.42
C ILE A 404 0.40 25.58 -8.97
N ILE A 405 1.44 26.37 -8.71
CA ILE A 405 1.69 26.81 -7.34
C ILE A 405 1.41 28.30 -7.29
N VAL A 406 0.55 28.73 -6.36
CA VAL A 406 0.16 30.13 -6.26
C VAL A 406 1.00 30.87 -5.16
N ASP A 407 1.53 32.04 -5.46
CA ASP A 407 2.31 32.86 -4.50
C ASP A 407 1.49 34.13 -4.22
N ILE A 408 0.64 34.10 -3.19
CA ILE A 408 -0.33 35.18 -3.10
C ILE A 408 0.28 36.55 -2.77
N THR A 409 1.24 36.60 -1.86
CA THR A 409 1.79 37.89 -1.52
C THR A 409 2.34 38.56 -2.75
N LYS A 410 2.61 37.83 -3.81
CA LYS A 410 3.12 38.41 -5.05
C LYS A 410 2.12 38.46 -6.24
N ASP A 411 0.86 38.08 -6.01
CA ASP A 411 -0.11 37.94 -7.10
C ASP A 411 0.50 37.22 -8.32
N THR A 412 1.25 36.13 -8.11
CA THR A 412 1.86 35.38 -9.22
C THR A 412 1.60 33.85 -9.03
N PHE A 413 1.68 33.07 -10.10
CA PHE A 413 1.53 31.62 -9.99
C PHE A 413 2.60 31.06 -10.88
N TYR A 414 3.03 29.83 -10.55
CA TYR A 414 4.05 29.14 -11.31
C TYR A 414 3.45 27.86 -11.97
N LYS A 415 3.77 27.67 -13.25
CA LYS A 415 3.40 26.48 -13.96
C LYS A 415 4.59 25.56 -13.96
N GLN A 416 4.42 24.39 -13.32
CA GLN A 416 5.52 23.46 -13.19
C GLN A 416 5.62 22.51 -14.35
N PRO A 417 6.74 21.76 -14.40
CA PRO A 417 6.79 20.73 -15.49
C PRO A 417 5.55 19.76 -15.54
N MET A 418 4.99 19.37 -14.39
CA MET A 418 3.79 18.57 -14.38
C MET A 418 2.66 19.12 -15.25
N PHE A 419 2.50 20.44 -15.25
CA PHE A 419 1.49 21.16 -16.02
C PHE A 419 1.69 20.84 -17.46
N TYR A 420 2.93 20.95 -18.00
CA TYR A 420 3.18 20.71 -19.41
C TYR A 420 3.12 19.23 -19.76
N HIS A 421 3.61 18.37 -18.87
CA HIS A 421 3.60 16.91 -19.17
C HIS A 421 2.14 16.46 -19.38
N LEU A 422 1.26 16.97 -18.49
CA LEU A 422 -0.18 16.75 -18.59
C LEU A 422 -0.76 17.35 -19.90
N GLY A 423 -0.38 18.58 -20.23
CA GLY A 423 -0.85 19.23 -21.43
C GLY A 423 -0.48 18.52 -22.71
N HIS A 424 0.66 17.82 -22.74
CA HIS A 424 1.02 17.02 -23.89
C HIS A 424 -0.03 15.93 -24.24
N PHE A 425 -0.83 15.54 -23.25
CA PHE A 425 -1.99 14.70 -23.50
C PHE A 425 -3.31 15.47 -23.59
N SER A 426 -3.56 16.32 -22.59
CA SER A 426 -4.90 16.87 -22.47
C SER A 426 -5.17 17.76 -23.70
N LYS A 427 -4.15 18.49 -24.13
CA LYS A 427 -4.36 19.44 -25.24
C LYS A 427 -4.68 18.79 -26.57
N PHE A 428 -4.17 17.60 -26.76
CA PHE A 428 -4.06 16.97 -28.06
C PHE A 428 -4.85 15.66 -28.21
N ILE A 429 -5.45 15.20 -27.10
CA ILE A 429 -6.30 14.01 -27.09
C ILE A 429 -7.72 14.41 -26.59
N PRO A 430 -8.58 14.94 -27.53
CA PRO A 430 -9.97 15.29 -27.20
C PRO A 430 -10.83 14.06 -26.84
N GLU A 431 -11.92 14.34 -26.11
CA GLU A 431 -12.87 13.28 -25.69
C GLU A 431 -13.25 12.52 -26.96
N GLY A 432 -13.38 11.20 -26.95
CA GLY A 432 -13.73 10.52 -28.20
C GLY A 432 -12.58 9.93 -29.02
N SER A 433 -11.33 10.37 -28.79
CA SER A 433 -10.16 9.84 -29.47
C SER A 433 -10.06 8.40 -29.04
N GLN A 434 -9.41 7.59 -29.86
CA GLN A 434 -9.40 6.15 -29.59
C GLN A 434 -7.98 5.66 -29.65
N ARG A 435 -7.56 4.94 -28.64
CA ARG A 435 -6.23 4.35 -28.73
C ARG A 435 -6.07 3.24 -29.79
N VAL A 436 -4.97 3.27 -30.53
CA VAL A 436 -4.72 2.26 -31.54
C VAL A 436 -3.32 1.60 -31.28
N GLY A 437 -3.02 0.53 -32.04
CA GLY A 437 -1.78 -0.20 -31.87
C GLY A 437 -0.54 0.63 -32.17
N LEU A 438 0.53 0.35 -31.43
CA LEU A 438 1.88 0.90 -31.73
C LEU A 438 2.98 -0.11 -31.35
N VAL A 439 3.79 -0.55 -32.31
CA VAL A 439 4.78 -1.54 -31.96
C VAL A 439 6.16 -0.96 -32.26
N ALA A 440 7.16 -1.39 -31.49
CA ALA A 440 8.55 -0.93 -31.61
C ALA A 440 9.38 -2.00 -32.35
N SER A 441 10.31 -1.61 -33.21
CA SER A 441 11.14 -2.63 -33.87
C SER A 441 12.25 -3.27 -33.01
N GLN A 442 12.54 -2.70 -31.84
CA GLN A 442 13.62 -3.21 -30.96
C GLN A 442 13.38 -2.65 -29.58
N LYS A 443 13.97 -3.28 -28.56
CA LYS A 443 13.95 -2.82 -27.16
C LYS A 443 14.48 -1.39 -27.13
N ASN A 444 13.90 -0.53 -26.29
CA ASN A 444 14.24 0.89 -26.30
C ASN A 444 13.84 1.44 -24.94
N ASP A 445 14.21 2.66 -24.62
CA ASP A 445 13.85 3.25 -23.37
C ASP A 445 12.70 4.28 -23.43
N LEU A 446 11.96 4.27 -24.53
CA LEU A 446 10.95 5.31 -24.79
C LEU A 446 9.66 4.83 -24.17
N ASP A 447 8.77 5.73 -23.79
CA ASP A 447 7.43 5.35 -23.52
C ASP A 447 6.60 6.02 -24.61
N ALA A 448 5.67 5.34 -25.26
CA ALA A 448 4.95 5.99 -26.38
C ALA A 448 3.55 5.43 -26.45
N VAL A 449 2.60 6.24 -26.92
CA VAL A 449 1.25 5.76 -27.12
C VAL A 449 0.70 6.47 -28.36
N ALA A 450 -0.12 5.78 -29.15
CA ALA A 450 -0.79 6.36 -30.34
C ALA A 450 -2.30 6.27 -30.27
N LEU A 451 -2.94 7.35 -30.74
CA LEU A 451 -4.37 7.45 -30.73
C LEU A 451 -4.86 8.08 -32.02
N MET A 452 -6.12 7.82 -32.32
CA MET A 452 -6.81 8.51 -33.42
C MET A 452 -7.86 9.48 -32.93
N HIS A 453 -7.83 10.70 -33.43
CA HIS A 453 -8.85 11.69 -33.07
C HIS A 453 -10.16 11.31 -33.69
N PRO A 454 -11.24 11.87 -33.11
CA PRO A 454 -12.53 11.61 -33.72
C PRO A 454 -12.55 11.96 -35.28
N ASP A 455 -11.81 12.96 -35.76
CA ASP A 455 -11.81 13.23 -37.24
C ASP A 455 -10.91 12.27 -38.01
N GLY A 456 -10.35 11.28 -37.32
CA GLY A 456 -9.39 10.33 -37.94
C GLY A 456 -7.89 10.71 -38.04
N SER A 457 -7.50 11.88 -37.58
CA SER A 457 -6.07 12.27 -37.56
C SER A 457 -5.32 11.54 -36.46
N ALA A 458 -4.01 11.51 -36.56
CA ALA A 458 -3.22 10.71 -35.66
C ALA A 458 -2.51 11.62 -34.62
N VAL A 459 -2.38 11.10 -33.40
CA VAL A 459 -1.62 11.74 -32.31
C VAL A 459 -0.71 10.66 -31.65
N VAL A 460 0.58 10.97 -31.47
CA VAL A 460 1.52 10.01 -30.83
C VAL A 460 2.30 10.79 -29.77
N VAL A 461 2.30 10.32 -28.52
CA VAL A 461 3.11 11.00 -27.47
C VAL A 461 4.30 10.09 -27.16
N VAL A 462 5.52 10.66 -27.10
CA VAL A 462 6.75 9.91 -26.84
C VAL A 462 7.49 10.63 -25.70
N LEU A 463 7.67 9.88 -24.64
CA LEU A 463 8.45 10.26 -23.48
C LEU A 463 9.80 9.53 -23.50
N ASN A 464 10.89 10.27 -23.38
CA ASN A 464 12.23 9.66 -23.19
C ASN A 464 12.59 9.74 -21.72
N ARG A 465 12.52 8.63 -21.02
CA ARG A 465 12.91 8.70 -19.62
C ARG A 465 14.46 8.61 -19.37
N SER A 466 15.22 8.09 -20.34
CA SER A 466 16.70 8.10 -20.29
C SER A 466 17.39 9.43 -20.61
N SER A 467 18.69 9.49 -20.32
CA SER A 467 19.46 10.70 -20.61
C SER A 467 20.04 10.72 -22.06
N LYS A 468 19.89 9.67 -22.82
CA LYS A 468 20.45 9.63 -24.19
C LYS A 468 19.44 10.06 -25.26
N ASP A 469 19.89 10.89 -26.22
CA ASP A 469 19.05 11.21 -27.36
C ASP A 469 18.79 9.96 -28.20
N VAL A 470 17.54 9.70 -28.59
CA VAL A 470 17.19 8.49 -29.38
C VAL A 470 16.62 8.89 -30.77
N PRO A 471 17.43 8.81 -31.82
CA PRO A 471 16.78 8.99 -33.15
C PRO A 471 15.75 7.86 -33.42
N LEU A 472 14.64 8.22 -34.04
CA LEU A 472 13.64 7.19 -34.38
C LEU A 472 12.79 7.59 -35.56
N THR A 473 12.08 6.64 -36.07
CA THR A 473 11.15 6.91 -37.12
C THR A 473 9.80 6.40 -36.69
N ILE A 474 8.73 7.10 -37.06
CA ILE A 474 7.39 6.60 -36.82
C ILE A 474 6.78 6.23 -38.17
N LYS A 475 6.28 5.02 -38.29
CA LYS A 475 5.66 4.58 -39.53
C LYS A 475 4.14 4.51 -39.34
N ASP A 476 3.43 5.21 -40.22
CA ASP A 476 1.99 5.14 -40.42
C ASP A 476 1.77 4.39 -41.74
N PRO A 477 1.30 3.14 -41.71
CA PRO A 477 1.23 2.33 -42.96
C PRO A 477 0.35 2.89 -44.07
N ALA A 478 -0.61 3.72 -43.69
CA ALA A 478 -1.37 4.53 -44.70
C ALA A 478 -0.52 5.53 -45.54
N VAL A 479 0.34 6.26 -44.83
CA VAL A 479 0.66 7.63 -45.09
C VAL A 479 2.13 7.79 -45.35
N GLY A 480 3.01 7.12 -44.61
CA GLY A 480 4.42 7.48 -44.72
C GLY A 480 5.20 7.47 -43.45
N PHE A 481 6.37 8.08 -43.45
CA PHE A 481 7.36 7.99 -42.33
C PHE A 481 7.69 9.39 -41.77
N LEU A 482 7.75 9.49 -40.44
CA LEU A 482 8.23 10.66 -39.74
C LEU A 482 9.60 10.36 -39.13
N GLU A 483 10.63 11.07 -39.61
CA GLU A 483 12.02 10.89 -39.15
C GLU A 483 12.21 11.96 -38.04
N THR A 484 12.60 11.53 -36.86
CA THR A 484 12.66 12.46 -35.75
C THR A 484 13.76 12.00 -34.76
N ILE A 485 13.91 12.74 -33.68
CA ILE A 485 14.83 12.41 -32.57
C ILE A 485 14.08 12.74 -31.26
N SER A 486 14.22 11.86 -30.27
CA SER A 486 13.68 12.08 -28.96
C SER A 486 14.87 12.34 -28.02
N PRO A 487 15.15 13.61 -27.73
CA PRO A 487 16.26 14.05 -26.82
C PRO A 487 16.13 13.48 -25.41
N GLY A 488 17.25 13.27 -24.72
CA GLY A 488 17.06 12.64 -23.41
C GLY A 488 16.13 13.48 -22.51
N TYR A 489 15.34 12.91 -21.59
CA TYR A 489 14.48 13.83 -20.80
C TYR A 489 13.77 14.89 -21.68
N SER A 490 12.98 14.36 -22.62
CA SER A 490 12.08 15.18 -23.38
C SER A 490 10.72 14.47 -23.40
N ILE A 491 9.69 15.25 -23.62
CA ILE A 491 8.40 14.71 -24.07
C ILE A 491 7.93 15.42 -25.33
N HIS A 492 7.42 14.65 -26.30
CA HIS A 492 6.99 15.12 -27.63
C HIS A 492 5.56 14.64 -27.89
N THR A 493 4.74 15.50 -28.48
CA THR A 493 3.50 15.02 -29.02
C THR A 493 3.51 15.30 -30.54
N TYR A 494 3.27 14.25 -31.33
CA TYR A 494 3.23 14.34 -32.78
C TYR A 494 1.79 14.28 -33.24
N LEU A 495 1.47 15.05 -34.30
CA LEU A 495 0.12 15.18 -34.84
C LEU A 495 0.20 15.19 -36.33
N TRP A 496 -0.67 14.40 -36.99
CA TRP A 496 -0.79 14.53 -38.45
C TRP A 496 -2.15 14.05 -38.97
N HIS A 497 -2.62 14.70 -40.04
CA HIS A 497 -3.77 14.23 -40.82
C HIS A 497 -3.36 13.06 -41.66
N ARG A 498 -4.09 11.98 -41.58
CA ARG A 498 -3.81 10.85 -42.41
C ARG A 498 -4.77 10.86 -43.59
N GLN A 499 -5.93 11.49 -43.41
CA GLN A 499 -6.75 12.05 -44.51
C GLN A 499 -5.91 12.86 -45.54
N LEU A 500 -5.22 12.19 -46.49
N ALA B 3 6.68 -19.30 39.77
CA ALA B 3 5.67 -18.28 39.39
C ALA B 3 5.71 -16.98 40.26
N ARG B 4 6.44 -16.02 39.70
CA ARG B 4 6.52 -14.68 40.21
C ARG B 4 5.49 -13.92 39.41
N PRO B 5 4.56 -13.23 40.09
CA PRO B 5 3.53 -12.55 39.30
C PRO B 5 4.04 -11.28 38.64
N CYS B 6 3.27 -10.77 37.68
CA CYS B 6 3.49 -9.47 37.03
C CYS B 6 3.60 -8.35 38.06
N ILE B 7 4.59 -7.48 37.96
CA ILE B 7 4.56 -6.26 38.78
C ILE B 7 3.95 -5.20 37.86
N PRO B 8 2.65 -4.89 38.01
CA PRO B 8 2.01 -4.01 37.01
C PRO B 8 2.39 -2.51 37.19
N LYS B 9 2.54 -1.79 36.07
CA LYS B 9 2.66 -0.36 36.02
C LYS B 9 1.87 0.20 34.83
N SER B 10 1.09 1.25 35.11
CA SER B 10 0.34 1.99 34.14
C SER B 10 1.14 3.23 33.65
N PHE B 11 0.98 3.62 32.39
CA PHE B 11 1.61 4.87 31.86
C PHE B 11 0.53 5.73 31.28
N GLY B 12 -0.71 5.48 31.66
CA GLY B 12 -1.86 6.24 31.19
C GLY B 12 -2.62 5.70 29.98
N TYR B 13 -2.24 4.48 29.47
CA TYR B 13 -2.92 3.90 28.33
C TYR B 13 -3.93 2.86 28.79
N SER B 14 -4.52 2.05 27.91
CA SER B 14 -5.64 1.22 28.38
C SER B 14 -5.25 0.08 29.33
N SER B 15 -3.99 -0.33 29.38
CA SER B 15 -3.66 -1.36 30.37
C SER B 15 -2.31 -1.13 30.96
N VAL B 16 -1.79 -2.16 31.58
CA VAL B 16 -0.51 -2.11 32.27
C VAL B 16 0.65 -2.86 31.50
N VAL B 17 1.89 -2.49 31.84
CA VAL B 17 3.02 -3.29 31.55
C VAL B 17 3.44 -4.02 32.84
N CYS B 18 4.32 -4.99 32.68
CA CYS B 18 4.89 -5.79 33.74
C CYS B 18 6.32 -5.37 33.86
N VAL B 19 6.69 -4.93 35.05
CA VAL B 19 8.02 -4.35 35.31
C VAL B 19 9.01 -5.41 35.71
N CYS B 20 10.13 -5.48 34.98
CA CYS B 20 11.21 -6.41 35.30
C CYS B 20 12.53 -5.66 35.49
N ASN B 21 13.40 -6.19 36.33
CA ASN B 21 14.70 -5.53 36.56
C ASN B 21 15.76 -6.60 36.75
N ALA B 22 16.93 -6.27 37.33
CA ALA B 22 18.04 -7.27 37.39
C ALA B 22 17.74 -8.43 38.34
N THR B 23 16.82 -8.27 39.27
CA THR B 23 16.58 -9.30 40.26
C THR B 23 15.14 -9.84 40.20
N TYR B 24 14.24 -9.21 39.44
CA TYR B 24 12.86 -9.70 39.45
C TYR B 24 12.26 -9.67 38.03
N CYS B 25 11.72 -10.82 37.59
CA CYS B 25 10.92 -10.85 36.41
C CYS B 25 9.74 -11.78 36.59
N ASP B 26 8.60 -11.44 36.01
CA ASP B 26 7.42 -12.33 36.17
C ASP B 26 7.66 -13.67 35.41
N SER B 27 7.13 -14.79 35.90
CA SER B 27 7.36 -16.07 35.20
C SER B 27 6.25 -17.09 35.45
N PHE B 28 6.22 -18.20 34.71
CA PHE B 28 5.28 -19.30 35.03
C PHE B 28 5.70 -20.22 36.17
N LEU B 36 -6.38 -35.10 34.15
CA LEU B 36 -7.40 -35.94 33.56
C LEU B 36 -8.73 -35.57 34.15
N GLY B 37 -9.70 -35.57 33.23
CA GLY B 37 -10.98 -34.92 33.32
C GLY B 37 -11.08 -33.36 33.42
N THR B 38 -9.98 -32.62 33.49
CA THR B 38 -10.12 -31.19 33.68
C THR B 38 -9.52 -30.46 32.48
N PHE B 39 -9.80 -29.19 32.34
CA PHE B 39 -9.06 -28.42 31.39
C PHE B 39 -8.30 -27.32 32.14
N SER B 40 -7.21 -26.84 31.55
CA SER B 40 -6.59 -25.61 31.99
C SER B 40 -7.00 -24.42 31.14
N ARG B 41 -7.05 -23.25 31.80
CA ARG B 41 -7.33 -21.99 31.16
C ARG B 41 -6.25 -20.96 31.53
N TYR B 42 -5.61 -20.35 30.53
CA TYR B 42 -4.76 -19.16 30.81
C TYR B 42 -5.46 -17.90 30.38
N GLU B 43 -5.46 -16.86 31.21
CA GLU B 43 -6.25 -15.67 30.91
C GLU B 43 -5.43 -14.39 31.08
N SER B 44 -5.55 -13.50 30.08
CA SER B 44 -5.03 -12.14 30.20
C SER B 44 -6.15 -11.19 29.87
N THR B 45 -6.20 -10.14 30.64
CA THR B 45 -7.28 -9.17 30.46
C THR B 45 -6.74 -7.73 30.46
N ARG B 46 -7.49 -6.85 29.81
CA ARG B 46 -7.23 -5.44 29.87
C ARG B 46 -7.13 -4.95 31.30
N SER B 47 -7.99 -5.49 32.17
CA SER B 47 -8.03 -5.00 33.57
C SER B 47 -6.74 -5.40 34.32
N GLY B 48 -5.84 -6.21 33.74
CA GLY B 48 -4.58 -6.49 34.43
C GLY B 48 -4.15 -7.93 34.63
N ARG B 49 -5.03 -8.90 34.38
CA ARG B 49 -4.55 -10.31 34.55
C ARG B 49 -3.59 -10.70 33.45
N ARG B 50 -2.52 -11.44 33.78
CA ARG B 50 -1.45 -11.74 32.81
C ARG B 50 -1.22 -13.23 32.83
N MET B 51 -1.72 -13.95 31.80
CA MET B 51 -1.61 -15.42 31.65
C MET B 51 -1.89 -16.14 32.96
N GLU B 52 -2.97 -15.78 33.65
CA GLU B 52 -3.33 -16.41 34.93
C GLU B 52 -3.94 -17.81 34.71
N LEU B 53 -3.47 -18.80 35.47
CA LEU B 53 -3.91 -20.17 35.28
C LEU B 53 -5.15 -20.45 36.10
N SER B 54 -6.14 -21.12 35.53
CA SER B 54 -7.24 -21.64 36.34
C SER B 54 -7.64 -22.98 35.79
N MET B 55 -8.57 -23.66 36.46
CA MET B 55 -9.01 -24.97 35.97
C MET B 55 -10.49 -25.17 36.02
N GLY B 56 -10.97 -26.11 35.22
CA GLY B 56 -12.38 -26.35 35.21
C GLY B 56 -12.53 -27.80 34.86
N PRO B 57 -13.75 -28.31 35.01
CA PRO B 57 -14.11 -29.69 34.67
C PRO B 57 -14.65 -29.77 33.27
N ILE B 58 -14.32 -30.86 32.60
CA ILE B 58 -14.93 -31.24 31.34
C ILE B 58 -16.25 -31.95 31.70
N GLN B 59 -17.37 -31.48 31.19
CA GLN B 59 -18.68 -32.15 31.42
C GLN B 59 -19.01 -33.15 30.33
N ALA B 60 -19.76 -34.19 30.65
CA ALA B 60 -20.26 -35.11 29.60
C ALA B 60 -21.44 -34.53 28.80
N ASN B 61 -22.28 -33.66 29.38
CA ASN B 61 -23.46 -33.22 28.62
C ASN B 61 -23.56 -31.68 28.55
N HIS B 62 -24.40 -31.18 27.66
CA HIS B 62 -24.61 -29.76 27.56
C HIS B 62 -25.99 -29.42 27.04
N THR B 63 -26.66 -28.48 27.72
CA THR B 63 -27.96 -28.04 27.31
C THR B 63 -27.96 -26.52 27.30
N GLY B 64 -28.73 -25.95 26.40
CA GLY B 64 -28.83 -24.55 26.35
C GLY B 64 -28.65 -24.01 24.96
N THR B 65 -29.01 -22.76 24.77
CA THR B 65 -28.92 -22.16 23.47
C THR B 65 -27.79 -21.13 23.33
N GLY B 66 -26.82 -21.12 24.23
CA GLY B 66 -25.77 -20.11 24.06
C GLY B 66 -24.83 -20.51 22.93
N LEU B 67 -23.85 -19.65 22.70
CA LEU B 67 -22.73 -19.93 21.77
C LEU B 67 -21.99 -21.27 22.11
N LEU B 68 -21.88 -22.13 21.12
CA LEU B 68 -21.14 -23.38 21.21
C LEU B 68 -20.02 -23.38 20.12
N LEU B 69 -18.77 -23.65 20.50
CA LEU B 69 -17.72 -23.81 19.52
C LEU B 69 -17.44 -25.28 19.44
N THR B 70 -17.53 -25.89 18.26
CA THR B 70 -17.24 -27.33 18.21
C THR B 70 -15.96 -27.67 17.44
N LEU B 71 -15.08 -28.38 18.11
CA LEU B 71 -13.88 -28.89 17.52
C LEU B 71 -14.27 -29.90 16.44
N GLN B 72 -13.55 -29.91 15.33
CA GLN B 72 -13.61 -31.01 14.41
C GLN B 72 -12.19 -31.55 14.25
N PRO B 73 -11.78 -32.43 15.18
CA PRO B 73 -10.40 -32.96 15.30
C PRO B 73 -9.96 -33.82 14.11
N GLU B 74 -10.93 -34.28 13.32
CA GLU B 74 -10.64 -34.99 12.09
C GLU B 74 -10.38 -34.07 10.86
N GLN B 75 -10.89 -32.84 10.85
CA GLN B 75 -10.45 -31.82 9.85
C GLN B 75 -9.03 -31.33 10.20
N LYS B 76 -8.06 -31.72 9.38
CA LYS B 76 -6.64 -31.47 9.73
C LYS B 76 -6.07 -30.49 8.78
N PHE B 77 -5.44 -29.40 9.25
CA PHE B 77 -4.96 -28.40 8.31
C PHE B 77 -3.41 -28.33 8.38
N GLN B 78 -2.82 -27.15 8.64
CA GLN B 78 -1.34 -27.00 8.52
C GLN B 78 -0.70 -27.39 9.86
N LYS B 79 0.53 -27.88 9.77
CA LYS B 79 1.40 -28.01 10.90
C LYS B 79 2.24 -26.73 11.14
N VAL B 80 2.34 -26.33 12.40
CA VAL B 80 3.00 -25.10 12.84
C VAL B 80 4.50 -25.25 12.91
N LYS B 81 5.17 -24.30 12.32
CA LYS B 81 6.62 -24.16 12.42
C LYS B 81 6.98 -23.46 13.74
N GLY B 82 6.30 -22.33 14.02
CA GLY B 82 6.57 -21.65 15.26
C GLY B 82 6.35 -20.12 15.24
N PHE B 83 6.90 -19.52 16.29
CA PHE B 83 6.73 -18.10 16.64
C PHE B 83 8.03 -17.58 17.16
N GLY B 84 8.28 -16.31 16.89
CA GLY B 84 9.42 -15.65 17.51
C GLY B 84 9.53 -14.18 17.16
N GLY B 85 10.74 -13.71 16.99
CA GLY B 85 10.96 -12.30 16.74
C GLY B 85 12.38 -12.05 16.19
N ALA B 86 12.72 -10.78 16.01
CA ALA B 86 13.89 -10.41 15.27
C ALA B 86 15.03 -9.85 16.12
N MET B 87 16.23 -10.46 15.91
CA MET B 87 17.44 -9.96 16.58
C MET B 87 18.17 -8.97 15.67
N THR B 88 17.58 -7.77 15.59
CA THR B 88 18.17 -6.59 14.93
C THR B 88 19.33 -6.00 15.76
N ASP B 89 20.14 -5.17 15.12
CA ASP B 89 21.11 -4.31 15.80
C ASP B 89 20.47 -3.58 16.93
N ALA B 90 19.31 -2.95 16.69
CA ALA B 90 18.65 -2.17 17.70
C ALA B 90 18.25 -3.05 18.87
N ALA B 91 17.69 -4.25 18.61
CA ALA B 91 17.28 -5.13 19.71
C ALA B 91 18.51 -5.56 20.50
N ALA B 92 19.60 -5.92 19.80
CA ALA B 92 20.82 -6.36 20.52
C ALA B 92 21.39 -5.23 21.40
N LEU B 93 21.47 -4.00 20.87
CA LEU B 93 21.98 -2.85 21.60
C LEU B 93 21.15 -2.52 22.83
N ASN B 94 19.85 -2.68 22.73
CA ASN B 94 18.96 -2.40 23.84
C ASN B 94 19.12 -3.45 24.92
N ILE B 95 19.06 -4.73 24.54
CA ILE B 95 19.25 -5.81 25.53
C ILE B 95 20.62 -5.73 26.28
N LEU B 96 21.69 -5.51 25.54
CA LEU B 96 23.04 -5.38 26.06
C LEU B 96 23.29 -4.09 26.86
N ALA B 97 22.35 -3.17 26.88
CA ALA B 97 22.45 -1.99 27.69
C ALA B 97 21.95 -2.31 29.09
N LEU B 98 21.23 -3.42 29.27
CA LEU B 98 20.88 -3.86 30.64
C LEU B 98 22.08 -4.49 31.40
N SER B 99 22.01 -4.62 32.71
CA SER B 99 23.07 -5.34 33.42
C SER B 99 22.93 -6.83 33.07
N PRO B 100 24.00 -7.64 33.19
CA PRO B 100 23.84 -9.02 32.69
C PRO B 100 22.75 -9.87 33.32
N PRO B 101 22.45 -9.68 34.61
CA PRO B 101 21.35 -10.50 35.15
C PRO B 101 19.95 -10.12 34.58
N ALA B 102 19.73 -8.83 34.32
CA ALA B 102 18.48 -8.34 33.73
C ALA B 102 18.42 -8.77 32.25
N GLN B 103 19.53 -8.74 31.54
CA GLN B 103 19.64 -9.40 30.21
C GLN B 103 19.17 -10.87 30.23
N ASN B 104 19.67 -11.62 31.23
CA ASN B 104 19.26 -13.04 31.34
C ASN B 104 17.77 -13.20 31.62
N LEU B 105 17.18 -12.31 32.41
CA LEU B 105 15.72 -12.41 32.62
C LEU B 105 14.92 -12.07 31.34
N LEU B 106 15.42 -11.11 30.55
CA LEU B 106 14.73 -10.75 29.31
C LEU B 106 14.83 -11.93 28.28
N LEU B 107 16.02 -12.48 28.09
CA LEU B 107 16.12 -13.62 27.16
C LEU B 107 15.34 -14.83 27.71
N LYS B 108 15.32 -15.03 29.02
CA LYS B 108 14.46 -16.07 29.57
C LYS B 108 12.99 -15.84 29.39
N SER B 109 12.50 -14.57 29.47
CA SER B 109 11.09 -14.23 29.24
C SER B 109 10.64 -14.81 27.90
N TYR B 110 11.48 -14.64 26.89
CA TYR B 110 11.19 -15.12 25.51
C TYR B 110 11.44 -16.60 25.24
N PHE B 111 12.60 -17.13 25.69
CA PHE B 111 13.10 -18.36 25.07
C PHE B 111 12.95 -19.59 26.01
N SER B 112 12.96 -19.34 27.34
CA SER B 112 12.88 -20.42 28.29
C SER B 112 11.47 -20.93 28.58
N GLU B 113 11.44 -22.04 29.32
CA GLU B 113 10.21 -22.65 29.77
C GLU B 113 9.60 -21.85 30.90
N GLU B 114 10.39 -21.02 31.58
CA GLU B 114 9.79 -20.10 32.54
C GLU B 114 9.23 -18.85 31.83
N GLY B 115 9.59 -18.67 30.56
CA GLY B 115 8.98 -17.65 29.69
C GLY B 115 7.99 -18.18 28.63
N ILE B 116 8.00 -17.60 27.44
CA ILE B 116 6.91 -17.86 26.50
C ILE B 116 7.37 -18.81 25.38
N GLY B 117 8.61 -19.35 25.47
CA GLY B 117 8.94 -20.44 24.53
C GLY B 117 9.12 -20.13 23.04
N TYR B 118 9.58 -18.93 22.69
CA TYR B 118 9.95 -18.64 21.31
C TYR B 118 10.83 -19.71 20.68
N ASN B 119 10.64 -19.97 19.39
CA ASN B 119 11.53 -20.92 18.70
C ASN B 119 11.98 -20.41 17.31
N ILE B 120 11.77 -19.11 17.04
CA ILE B 120 12.18 -18.52 15.80
C ILE B 120 12.93 -17.23 16.11
N ILE B 121 14.10 -17.06 15.47
CA ILE B 121 14.82 -15.79 15.50
C ILE B 121 15.13 -15.31 14.07
N ARG B 122 14.64 -14.12 13.71
CA ARG B 122 14.96 -13.59 12.39
C ARG B 122 16.21 -12.74 12.53
N VAL B 123 17.20 -12.97 11.67
CA VAL B 123 18.45 -12.23 11.67
C VAL B 123 18.63 -11.41 10.37
N PRO B 124 18.71 -10.07 10.46
CA PRO B 124 19.04 -9.37 9.20
C PRO B 124 20.44 -9.75 8.78
N MET B 125 20.66 -9.83 7.48
CA MET B 125 22.01 -10.05 6.90
C MET B 125 22.54 -8.61 6.64
N ALA B 126 23.33 -8.12 7.62
CA ALA B 126 23.88 -6.77 7.60
C ALA B 126 22.79 -5.72 8.00
N SER B 127 22.93 -4.46 7.59
CA SER B 127 22.17 -3.36 8.20
C SER B 127 20.72 -3.24 7.67
N CYS B 128 19.85 -2.76 8.54
CA CYS B 128 18.52 -2.36 8.14
C CYS B 128 18.21 -0.99 8.83
N ASP B 129 16.95 -0.55 8.81
CA ASP B 129 16.64 0.72 9.49
C ASP B 129 16.93 0.68 11.01
N PHE B 130 16.76 -0.49 11.60
CA PHE B 130 17.00 -0.72 13.03
C PHE B 130 18.47 -1.08 13.24
N SER B 131 19.30 -0.19 12.69
CA SER B 131 20.77 -0.17 12.74
C SER B 131 21.10 1.30 13.03
N ILE B 132 22.18 1.57 13.77
CA ILE B 132 22.67 2.90 13.94
C ILE B 132 23.77 3.23 12.90
N ARG B 133 24.17 2.28 12.08
CA ARG B 133 25.18 2.56 11.08
C ARG B 133 24.74 1.80 9.76
N THR B 134 25.08 2.29 8.58
CA THR B 134 24.73 1.59 7.36
C THR B 134 25.99 0.87 6.91
N TYR B 135 25.87 -0.39 6.49
CA TYR B 135 27.04 -1.21 6.16
C TYR B 135 26.43 -2.44 5.52
N THR B 136 27.19 -3.08 4.63
CA THR B 136 26.98 -4.46 4.24
C THR B 136 28.24 -5.32 4.67
N TYR B 137 28.26 -6.58 4.28
CA TYR B 137 29.41 -7.40 4.60
C TYR B 137 30.51 -7.29 3.54
N ALA B 138 30.24 -6.63 2.41
CA ALA B 138 31.22 -6.51 1.31
C ALA B 138 31.21 -5.06 0.76
N ASP B 139 31.66 -4.12 1.55
CA ASP B 139 31.60 -2.73 1.15
C ASP B 139 32.81 -2.35 0.33
N THR B 140 33.86 -3.16 0.29
CA THR B 140 35.01 -2.84 -0.66
C THR B 140 34.56 -2.81 -2.11
N PRO B 141 34.72 -1.69 -2.81
CA PRO B 141 33.99 -1.64 -4.12
C PRO B 141 34.54 -2.68 -5.11
N ASP B 142 33.64 -3.23 -5.91
CA ASP B 142 34.00 -4.09 -6.99
C ASP B 142 34.67 -5.37 -6.60
N ASP B 143 34.48 -5.76 -5.36
CA ASP B 143 35.02 -6.97 -4.88
C ASP B 143 34.17 -8.18 -5.33
N PHE B 144 34.06 -8.39 -6.65
CA PHE B 144 33.30 -9.53 -7.19
C PHE B 144 33.70 -10.88 -6.64
N GLN B 145 34.97 -11.01 -6.20
CA GLN B 145 35.43 -12.31 -5.58
C GLN B 145 34.94 -12.46 -4.16
N LEU B 146 34.49 -11.36 -3.56
CA LEU B 146 34.15 -11.39 -2.16
C LEU B 146 35.32 -11.77 -1.25
N HIS B 147 36.54 -11.35 -1.59
CA HIS B 147 37.72 -11.60 -0.73
C HIS B 147 37.60 -10.80 0.53
N ASN B 148 37.00 -9.62 0.46
CA ASN B 148 36.91 -8.82 1.66
C ASN B 148 35.59 -8.92 2.40
N PHE B 149 34.84 -9.98 2.18
CA PHE B 149 33.55 -10.14 2.86
C PHE B 149 33.91 -10.36 4.34
N SER B 150 33.29 -9.66 5.28
CA SER B 150 33.39 -10.17 6.63
C SER B 150 32.26 -9.62 7.51
N LEU B 151 32.05 -10.27 8.67
CA LEU B 151 31.11 -9.80 9.68
C LEU B 151 31.72 -8.74 10.54
N PRO B 152 31.04 -7.60 10.70
CA PRO B 152 31.62 -6.59 11.61
C PRO B 152 31.19 -6.89 13.05
N GLU B 153 31.58 -6.01 13.97
CA GLU B 153 31.20 -6.21 15.34
C GLU B 153 29.68 -6.28 15.64
N GLU B 154 28.84 -5.70 14.81
CA GLU B 154 27.37 -5.81 15.04
C GLU B 154 27.02 -7.28 15.04
N ASP B 155 27.64 -8.07 14.16
CA ASP B 155 27.43 -9.53 14.27
C ASP B 155 28.24 -10.23 15.37
N THR B 156 29.56 -10.02 15.38
CA THR B 156 30.42 -10.85 16.22
C THR B 156 30.42 -10.49 17.67
N LYS B 157 30.22 -9.24 18.01
CA LYS B 157 30.09 -8.80 19.40
C LYS B 157 28.63 -8.59 19.88
N LEU B 158 27.70 -8.26 18.99
CA LEU B 158 26.31 -8.07 19.44
C LEU B 158 25.37 -9.25 19.19
N LYS B 159 25.06 -9.51 17.92
CA LYS B 159 23.94 -10.40 17.57
C LYS B 159 24.31 -11.86 17.83
N ILE B 160 25.52 -12.25 17.44
CA ILE B 160 25.91 -13.67 17.47
C ILE B 160 25.95 -14.14 18.94
N PRO B 161 26.65 -13.40 19.83
CA PRO B 161 26.64 -13.89 21.22
C PRO B 161 25.27 -13.91 21.94
N LEU B 162 24.40 -12.92 21.69
CA LEU B 162 23.01 -13.00 22.20
C LEU B 162 22.19 -14.17 21.61
N ILE B 163 22.42 -14.48 20.35
CA ILE B 163 21.66 -15.57 19.77
C ILE B 163 22.08 -16.85 20.49
N HIS B 164 23.40 -16.98 20.80
CA HIS B 164 23.94 -18.19 21.50
C HIS B 164 23.38 -18.30 22.88
N ARG B 165 23.34 -17.18 23.59
CA ARG B 165 22.74 -17.16 24.92
C ARG B 165 21.25 -17.53 24.84
N ALA B 166 20.56 -16.94 23.85
CA ALA B 166 19.16 -17.36 23.53
C ALA B 166 19.01 -18.93 23.32
N LEU B 167 19.86 -19.56 22.51
CA LEU B 167 19.80 -21.02 22.26
C LEU B 167 20.15 -21.78 23.56
N GLN B 168 21.07 -21.26 24.37
CA GLN B 168 21.45 -21.94 25.62
C GLN B 168 20.34 -21.95 26.67
N LEU B 169 19.40 -20.99 26.62
CA LEU B 169 18.33 -20.88 27.60
C LEU B 169 17.05 -21.49 27.09
N ALA B 170 17.03 -21.83 25.82
CA ALA B 170 15.77 -22.29 25.20
C ALA B 170 15.40 -23.73 25.58
N GLN B 171 14.10 -23.98 25.83
CA GLN B 171 13.57 -25.35 26.06
C GLN B 171 13.36 -26.07 24.73
N ARG B 172 13.03 -25.32 23.67
CA ARG B 172 12.72 -25.93 22.37
C ARG B 172 13.83 -25.68 21.34
N PRO B 173 13.98 -26.56 20.33
CA PRO B 173 15.00 -26.26 19.27
C PRO B 173 14.61 -24.96 18.54
N VAL B 174 15.57 -24.03 18.38
CA VAL B 174 15.28 -22.71 17.83
C VAL B 174 15.65 -22.65 16.37
N SER B 175 14.79 -22.10 15.50
CA SER B 175 15.13 -21.95 14.09
C SER B 175 15.51 -20.48 13.75
N LEU B 176 16.62 -20.30 13.00
CA LEU B 176 17.13 -18.99 12.61
C LEU B 176 16.65 -18.75 11.17
N LEU B 177 16.18 -17.54 10.90
CA LEU B 177 15.73 -17.21 9.58
C LEU B 177 16.53 -15.96 9.22
N ALA B 178 17.17 -15.90 8.06
CA ALA B 178 17.95 -14.70 7.69
C ALA B 178 17.29 -14.02 6.50
N SER B 179 17.46 -12.70 6.43
CA SER B 179 16.88 -11.89 5.32
C SER B 179 17.81 -10.72 5.13
N PRO B 180 18.09 -10.39 3.87
CA PRO B 180 18.89 -9.16 3.59
C PRO B 180 17.95 -7.96 3.23
N TRP B 181 18.37 -6.73 3.54
CA TRP B 181 17.64 -5.48 3.15
C TRP B 181 18.25 -5.00 1.86
N THR B 182 19.55 -4.78 1.93
CA THR B 182 20.30 -4.26 0.77
C THR B 182 21.55 -5.14 0.43
N SER B 183 21.94 -5.14 -0.84
CA SER B 183 23.29 -5.60 -1.21
C SER B 183 24.34 -4.47 -1.13
N PRO B 184 25.67 -4.84 -1.20
CA PRO B 184 26.71 -3.77 -1.43
C PRO B 184 26.25 -2.81 -2.52
N THR B 185 26.47 -1.51 -2.35
CA THR B 185 25.98 -0.57 -3.33
C THR B 185 26.59 -0.68 -4.72
N TRP B 186 27.80 -1.25 -4.82
CA TRP B 186 28.47 -1.38 -6.15
C TRP B 186 27.80 -2.49 -6.95
N LEU B 187 26.81 -3.17 -6.39
CA LEU B 187 26.07 -4.15 -7.16
C LEU B 187 24.74 -3.55 -7.63
N LYS B 188 24.43 -2.31 -7.21
CA LYS B 188 23.05 -1.79 -7.44
C LYS B 188 23.01 -0.72 -8.51
N THR B 189 21.94 -0.68 -9.28
CA THR B 189 21.74 0.37 -10.30
C THR B 189 21.83 1.83 -9.78
N ASN B 190 21.50 2.11 -8.51
CA ASN B 190 21.53 3.48 -8.04
C ASN B 190 22.74 3.78 -7.17
N GLY B 191 23.57 2.79 -6.89
CA GLY B 191 24.75 3.03 -6.07
C GLY B 191 24.48 3.57 -4.68
N ALA B 192 23.36 3.20 -4.04
CA ALA B 192 23.06 3.67 -2.69
C ALA B 192 22.33 2.58 -1.92
N VAL B 193 22.40 2.59 -0.59
CA VAL B 193 21.75 1.50 0.20
C VAL B 193 20.21 1.54 0.15
N ASN B 194 19.64 2.75 -0.11
CA ASN B 194 18.20 3.03 -0.14
C ASN B 194 17.76 3.67 -1.48
N GLY B 195 16.59 4.28 -1.57
CA GLY B 195 16.08 4.72 -2.88
C GLY B 195 15.64 3.61 -3.87
N LYS B 196 15.13 4.00 -5.03
CA LYS B 196 14.73 3.07 -6.01
C LYS B 196 15.97 2.50 -6.77
N GLY B 197 16.12 1.18 -6.74
CA GLY B 197 17.34 0.55 -7.23
C GLY B 197 17.28 -0.96 -7.11
N SER B 198 17.92 -1.62 -8.04
CA SER B 198 17.90 -3.08 -8.03
C SER B 198 19.29 -3.52 -8.43
N LEU B 199 19.55 -4.83 -8.43
CA LEU B 199 20.78 -5.37 -8.93
C LEU B 199 21.01 -4.83 -10.35
N LYS B 200 22.23 -4.43 -10.69
CA LYS B 200 22.55 -4.18 -12.10
C LYS B 200 22.41 -5.47 -12.95
N GLY B 201 22.25 -5.31 -14.27
CA GLY B 201 22.34 -6.42 -15.17
C GLY B 201 21.09 -7.25 -15.15
N GLN B 202 21.21 -8.58 -15.34
CA GLN B 202 20.10 -9.49 -15.33
C GLN B 202 20.48 -10.80 -14.68
N PRO B 203 19.48 -11.52 -14.16
CA PRO B 203 19.78 -12.80 -13.50
C PRO B 203 20.59 -13.74 -14.41
N GLY B 204 21.52 -14.45 -13.81
CA GLY B 204 22.37 -15.33 -14.60
C GLY B 204 23.77 -14.72 -14.87
N ASP B 205 23.91 -13.41 -14.63
CA ASP B 205 25.11 -12.67 -14.93
C ASP B 205 26.02 -12.46 -13.70
N ILE B 206 27.15 -11.78 -13.86
CA ILE B 206 28.16 -11.72 -12.77
C ILE B 206 27.65 -11.02 -11.51
N TYR B 207 26.82 -9.98 -11.68
CA TYR B 207 26.28 -9.24 -10.51
C TYR B 207 25.36 -10.12 -9.67
N HIS B 208 24.47 -10.88 -10.31
CA HIS B 208 23.54 -11.78 -9.70
C HIS B 208 24.21 -13.03 -9.15
N GLN B 209 25.22 -13.55 -9.88
CA GLN B 209 26.11 -14.62 -9.38
C GLN B 209 26.85 -14.17 -8.09
N THR B 210 27.36 -12.94 -8.07
CA THR B 210 28.05 -12.42 -6.89
C THR B 210 27.12 -12.23 -5.66
N TRP B 211 25.89 -11.73 -5.92
CA TRP B 211 24.89 -11.59 -4.85
C TRP B 211 24.47 -12.98 -4.30
N ALA B 212 24.23 -13.97 -5.17
CA ALA B 212 23.97 -15.34 -4.64
C ALA B 212 25.17 -15.86 -3.83
N ARG B 213 26.40 -15.63 -4.28
CA ARG B 213 27.59 -16.04 -3.48
C ARG B 213 27.65 -15.41 -2.07
N TYR B 214 27.30 -14.12 -1.99
CA TYR B 214 27.23 -13.40 -0.72
C TYR B 214 26.36 -14.13 0.31
N PHE B 215 25.21 -14.68 -0.11
CA PHE B 215 24.35 -15.46 0.79
C PHE B 215 25.14 -16.64 1.37
N VAL B 216 25.92 -17.36 0.50
CA VAL B 216 26.71 -18.54 0.93
C VAL B 216 27.80 -18.14 1.88
N LYS B 217 28.44 -16.99 1.61
CA LYS B 217 29.50 -16.48 2.50
C LYS B 217 28.92 -16.07 3.85
N PHE B 218 27.70 -15.53 3.86
CA PHE B 218 27.03 -15.13 5.14
C PHE B 218 26.83 -16.39 5.94
N LEU B 219 26.28 -17.40 5.26
CA LEU B 219 26.02 -18.73 5.95
C LEU B 219 27.33 -19.43 6.45
N ASP B 220 28.38 -19.37 5.63
CA ASP B 220 29.70 -19.85 6.01
C ASP B 220 30.24 -19.12 7.25
N ALA B 221 30.17 -17.78 7.25
CA ALA B 221 30.63 -16.97 8.42
C ALA B 221 29.86 -17.26 9.68
N TYR B 222 28.53 -17.37 9.57
CA TYR B 222 27.75 -17.67 10.79
C TYR B 222 28.02 -19.14 11.23
N ALA B 223 28.26 -20.03 10.28
CA ALA B 223 28.55 -21.44 10.68
C ALA B 223 29.97 -21.54 11.35
N GLU B 224 30.92 -20.70 10.95
CA GLU B 224 32.15 -20.61 11.74
C GLU B 224 31.87 -20.20 13.16
N HIS B 225 30.77 -19.50 13.42
CA HIS B 225 30.49 -19.07 14.77
C HIS B 225 29.51 -20.00 15.44
N LYS B 226 29.38 -21.19 14.85
CA LYS B 226 28.58 -22.34 15.24
C LYS B 226 27.09 -22.04 15.27
N LEU B 227 26.66 -21.17 14.35
CA LEU B 227 25.24 -20.93 14.08
C LEU B 227 24.84 -21.43 12.71
N GLN B 228 23.74 -22.15 12.70
CA GLN B 228 23.22 -22.72 11.47
C GLN B 228 21.77 -22.20 11.27
N PHE B 229 21.40 -21.97 10.00
CA PHE B 229 20.08 -21.45 9.63
C PHE B 229 19.04 -22.51 9.17
N TRP B 230 17.78 -22.30 9.54
CA TRP B 230 16.70 -23.17 9.11
C TRP B 230 16.32 -22.68 7.67
N ALA B 231 16.23 -21.34 7.47
CA ALA B 231 15.71 -20.73 6.25
C ALA B 231 16.37 -19.36 5.96
N VAL B 232 16.46 -18.99 4.67
CA VAL B 232 16.71 -17.60 4.26
C VAL B 232 15.53 -17.12 3.38
N THR B 233 15.31 -15.80 3.29
CA THR B 233 14.35 -15.25 2.34
C THR B 233 15.15 -14.65 1.20
N ALA B 234 14.48 -14.55 0.05
CA ALA B 234 15.14 -14.09 -1.17
C ALA B 234 15.48 -12.57 -1.12
N GLU B 235 14.81 -11.84 -0.24
CA GLU B 235 14.98 -10.39 -0.11
C GLU B 235 13.89 -9.91 0.84
N ASN B 236 14.23 -9.06 1.80
CA ASN B 236 13.21 -8.44 2.61
C ASN B 236 12.46 -7.43 1.76
N GLU B 237 11.13 -7.51 1.73
CA GLU B 237 10.30 -6.48 1.01
C GLU B 237 10.88 -6.06 -0.33
N PRO B 238 11.04 -7.02 -1.27
CA PRO B 238 11.56 -6.67 -2.60
C PRO B 238 10.75 -5.52 -3.30
N SER B 239 9.48 -5.35 -2.97
CA SER B 239 8.76 -4.21 -3.60
C SER B 239 9.28 -2.82 -3.19
N ALA B 240 9.90 -2.71 -2.00
CA ALA B 240 10.33 -1.43 -1.48
C ALA B 240 11.35 -0.69 -2.38
N GLY B 241 12.25 -1.46 -2.98
CA GLY B 241 13.28 -0.91 -3.82
C GLY B 241 12.72 -0.56 -5.15
N LEU B 242 11.40 -0.75 -5.35
CA LEU B 242 10.74 -0.35 -6.58
C LEU B 242 10.16 1.07 -6.45
N LEU B 243 10.30 1.66 -5.27
CA LEU B 243 9.64 2.91 -4.94
C LEU B 243 10.67 4.04 -4.84
N SER B 244 10.42 5.09 -5.62
CA SER B 244 11.18 6.30 -5.65
C SER B 244 11.38 6.92 -4.27
N GLY B 245 12.63 7.12 -3.91
CA GLY B 245 12.99 7.69 -2.62
C GLY B 245 12.84 6.78 -1.43
N TYR B 246 12.62 5.46 -1.61
CA TYR B 246 12.42 4.60 -0.40
C TYR B 246 13.47 4.93 0.65
N PRO B 247 13.07 5.14 1.94
CA PRO B 247 14.02 5.85 2.81
C PRO B 247 15.13 5.06 3.46
N PHE B 248 15.00 3.74 3.51
CA PHE B 248 16.06 2.98 4.12
C PHE B 248 16.49 1.82 3.26
N GLN B 249 17.38 0.98 3.77
CA GLN B 249 17.98 -0.12 2.96
C GLN B 249 16.93 -1.03 2.26
N CYS B 250 17.08 -1.18 0.95
CA CYS B 250 16.21 -1.98 0.15
C CYS B 250 16.92 -2.45 -1.12
N LEU B 251 16.23 -3.30 -1.90
CA LEU B 251 16.77 -3.78 -3.14
C LEU B 251 15.53 -4.23 -3.90
N GLY B 252 15.20 -3.62 -5.03
CA GLY B 252 13.92 -3.89 -5.67
C GLY B 252 13.95 -5.07 -6.62
N PHE B 253 12.89 -5.86 -6.59
CA PHE B 253 12.71 -6.97 -7.54
C PHE B 253 11.26 -6.92 -7.91
N THR B 254 10.97 -6.97 -9.22
CA THR B 254 9.66 -7.42 -9.66
C THR B 254 9.54 -8.92 -9.43
N PRO B 255 8.29 -9.48 -9.51
CA PRO B 255 8.16 -10.90 -9.25
C PRO B 255 8.96 -11.70 -10.31
N GLU B 256 9.11 -11.16 -11.50
CA GLU B 256 9.81 -11.87 -12.64
C GLU B 256 11.28 -11.85 -12.36
N HIS B 257 11.75 -10.75 -11.81
CA HIS B 257 13.18 -10.62 -11.50
C HIS B 257 13.53 -11.58 -10.34
N GLN B 258 12.64 -11.60 -9.32
CA GLN B 258 12.76 -12.62 -8.28
C GLN B 258 12.72 -14.07 -8.81
N ARG B 259 11.69 -14.42 -9.59
CA ARG B 259 11.66 -15.71 -10.24
C ARG B 259 13.05 -16.11 -10.86
N ASP B 260 13.60 -15.24 -11.72
CA ASP B 260 14.76 -15.65 -12.54
C ASP B 260 16.02 -15.60 -11.69
N PHE B 261 16.10 -14.68 -10.76
CA PHE B 261 17.21 -14.72 -9.77
C PHE B 261 17.27 -16.09 -9.01
N ILE B 262 16.10 -16.58 -8.61
CA ILE B 262 16.08 -17.77 -7.78
C ILE B 262 16.38 -18.97 -8.74
N ALA B 263 15.75 -19.00 -9.93
CA ALA B 263 16.00 -20.09 -10.88
C ALA B 263 17.48 -20.16 -11.33
N ARG B 264 18.03 -19.03 -11.79
CA ARG B 264 19.42 -18.95 -12.29
C ARG B 264 20.55 -18.83 -11.30
N ASP B 265 20.39 -18.09 -10.22
CA ASP B 265 21.55 -17.76 -9.35
C ASP B 265 21.41 -18.30 -7.92
N LEU B 266 20.40 -17.83 -7.18
CA LEU B 266 20.24 -18.19 -5.75
C LEU B 266 19.94 -19.70 -5.45
N GLY B 267 18.93 -20.28 -6.12
CA GLY B 267 18.69 -21.70 -5.90
C GLY B 267 19.92 -22.59 -6.11
N PRO B 268 20.54 -22.49 -7.28
CA PRO B 268 21.69 -23.33 -7.65
C PRO B 268 22.89 -23.07 -6.82
N THR B 269 23.18 -21.80 -6.54
CA THR B 269 24.28 -21.51 -5.60
C THR B 269 24.15 -22.16 -4.21
N LEU B 270 22.93 -22.10 -3.62
CA LEU B 270 22.69 -22.66 -2.30
C LEU B 270 22.74 -24.16 -2.38
N ALA B 271 22.05 -24.72 -3.38
CA ALA B 271 21.99 -26.16 -3.63
C ALA B 271 23.40 -26.79 -3.81
N ASN B 272 24.37 -26.02 -4.30
CA ASN B 272 25.69 -26.53 -4.58
C ASN B 272 26.67 -26.27 -3.41
N SER B 273 26.15 -25.81 -2.28
CA SER B 273 27.02 -25.45 -1.16
C SER B 273 26.76 -26.44 -0.08
N THR B 274 27.57 -26.32 0.98
CA THR B 274 27.38 -27.16 2.15
C THR B 274 26.10 -26.76 2.89
N HIS B 275 25.44 -25.68 2.42
CA HIS B 275 24.18 -25.17 3.02
C HIS B 275 22.93 -25.58 2.25
N HIS B 276 23.03 -26.65 1.49
CA HIS B 276 21.96 -27.08 0.64
C HIS B 276 20.63 -27.44 1.37
N ASN B 277 20.66 -27.73 2.68
CA ASN B 277 19.43 -28.01 3.38
C ASN B 277 18.74 -26.80 3.94
N VAL B 278 19.37 -25.63 3.84
CA VAL B 278 18.74 -24.38 4.33
C VAL B 278 17.48 -24.09 3.45
N ARG B 279 16.27 -23.89 3.98
CA ARG B 279 15.07 -23.68 3.10
C ARG B 279 15.18 -22.25 2.48
N LEU B 280 14.61 -22.03 1.28
CA LEU B 280 14.52 -20.67 0.72
C LEU B 280 13.11 -20.22 0.73
N LEU B 281 12.84 -19.05 1.30
CA LEU B 281 11.47 -18.50 1.23
C LEU B 281 11.42 -17.33 0.27
N MET B 282 10.35 -17.30 -0.58
CA MET B 282 10.14 -16.21 -1.52
C MET B 282 9.18 -15.08 -0.92
N LEU B 283 9.05 -14.01 -1.69
CA LEU B 283 8.21 -12.88 -1.34
C LEU B 283 8.72 -12.05 -0.14
N ASP B 284 8.47 -12.47 1.12
CA ASP B 284 8.88 -11.68 2.35
C ASP B 284 8.37 -10.22 2.21
N ASP B 285 7.08 -10.10 1.94
CA ASP B 285 6.51 -8.83 1.63
C ASP B 285 4.98 -8.89 1.91
N GLN B 286 4.29 -7.77 1.70
CA GLN B 286 2.84 -7.67 1.99
C GLN B 286 2.00 -8.73 1.35
N ARG B 287 1.01 -9.25 2.08
CA ARG B 287 0.19 -10.39 1.50
C ARG B 287 -0.68 -10.01 0.34
N LEU B 288 -0.89 -8.71 0.12
CA LEU B 288 -1.68 -8.29 -1.08
C LEU B 288 -0.95 -8.61 -2.36
N LEU B 289 0.34 -8.96 -2.27
CA LEU B 289 1.06 -9.34 -3.48
C LEU B 289 0.75 -10.76 -3.89
N LEU B 290 -0.06 -11.46 -3.08
CA LEU B 290 -0.53 -12.84 -3.38
C LEU B 290 -1.97 -12.82 -3.84
N PRO B 291 -2.36 -13.77 -4.70
CA PRO B 291 -1.53 -14.83 -5.21
C PRO B 291 -0.65 -14.48 -6.44
N HIS B 292 -0.69 -13.26 -6.96
CA HIS B 292 0.08 -12.96 -8.16
C HIS B 292 1.60 -13.34 -8.06
N TRP B 293 2.28 -12.93 -6.99
CA TRP B 293 3.73 -13.30 -6.94
C TRP B 293 3.98 -14.81 -6.93
N ALA B 294 3.13 -15.57 -6.22
CA ALA B 294 3.30 -17.02 -6.11
C ALA B 294 3.15 -17.65 -7.53
N LYS B 295 2.15 -17.19 -8.29
CA LYS B 295 1.95 -17.60 -9.68
C LYS B 295 3.16 -17.26 -10.57
N VAL B 296 3.65 -16.04 -10.56
CA VAL B 296 4.82 -15.73 -11.39
C VAL B 296 6.00 -16.64 -11.07
N VAL B 297 6.34 -16.78 -9.79
CA VAL B 297 7.52 -17.59 -9.39
C VAL B 297 7.25 -19.13 -9.50
N LEU B 298 6.16 -19.56 -8.90
CA LEU B 298 5.94 -21.01 -8.73
C LEU B 298 5.46 -21.77 -9.98
N THR B 299 5.07 -21.11 -11.04
CA THR B 299 4.69 -21.84 -12.23
C THR B 299 5.93 -21.94 -13.20
N ASP B 300 7.04 -21.34 -12.83
CA ASP B 300 8.30 -21.67 -13.46
C ASP B 300 8.96 -22.88 -12.77
N PRO B 301 8.98 -24.06 -13.42
CA PRO B 301 9.49 -25.22 -12.68
C PRO B 301 10.95 -25.11 -12.29
N GLU B 302 11.73 -24.31 -12.99
CA GLU B 302 13.14 -24.07 -12.58
C GLU B 302 13.24 -23.26 -11.31
N ALA B 303 12.30 -22.32 -11.11
CA ALA B 303 12.29 -21.56 -9.84
C ALA B 303 11.62 -22.41 -8.75
N ALA B 304 10.41 -22.94 -9.07
CA ALA B 304 9.67 -23.79 -8.07
C ALA B 304 10.51 -24.81 -7.36
N LYS B 305 11.45 -25.43 -8.03
CA LYS B 305 12.11 -26.53 -7.38
C LYS B 305 12.98 -26.07 -6.25
N TYR B 306 13.33 -24.75 -6.20
CA TYR B 306 14.11 -24.27 -5.05
C TYR B 306 13.33 -23.59 -3.93
N VAL B 307 12.05 -23.38 -4.11
CA VAL B 307 11.29 -22.56 -3.16
C VAL B 307 10.53 -23.41 -2.21
N HIS B 308 10.86 -23.34 -0.93
CA HIS B 308 10.20 -24.13 0.09
C HIS B 308 8.87 -23.45 0.56
N GLY B 309 8.91 -22.12 0.70
CA GLY B 309 7.70 -21.40 1.11
C GLY B 309 7.67 -19.96 0.69
N ILE B 310 6.70 -19.26 1.27
CA ILE B 310 6.31 -17.89 0.93
C ILE B 310 6.17 -17.17 2.27
N ALA B 311 7.01 -16.14 2.47
CA ALA B 311 7.00 -15.33 3.69
C ALA B 311 6.08 -14.10 3.44
N VAL B 312 5.21 -13.76 4.42
CA VAL B 312 4.36 -12.60 4.30
C VAL B 312 4.48 -11.63 5.48
N HIS B 313 4.32 -10.33 5.18
CA HIS B 313 4.34 -9.25 6.17
C HIS B 313 2.91 -8.66 6.29
N TRP B 314 2.66 -7.94 7.39
CA TRP B 314 1.29 -7.64 7.80
C TRP B 314 0.88 -6.19 7.52
N TYR B 315 1.76 -5.38 6.95
CA TYR B 315 1.55 -3.92 6.94
C TYR B 315 0.42 -3.38 6.08
N LEU B 316 0.02 -4.06 5.03
CA LEU B 316 -1.22 -3.67 4.33
C LEU B 316 -2.31 -4.72 4.44
N ASP B 317 -2.42 -5.43 5.56
CA ASP B 317 -3.44 -6.42 5.73
C ASP B 317 -4.84 -5.83 5.72
N PHE B 318 -4.97 -4.54 6.02
CA PHE B 318 -6.31 -3.91 6.07
C PHE B 318 -6.93 -3.90 4.69
N LEU B 319 -6.13 -3.82 3.66
CA LEU B 319 -6.50 -3.75 2.25
C LEU B 319 -6.69 -5.20 1.66
N ALA B 320 -6.23 -6.24 2.36
CA ALA B 320 -5.93 -7.56 1.71
C ALA B 320 -6.65 -8.67 2.47
N PRO B 321 -7.91 -8.96 2.07
CA PRO B 321 -8.69 -9.97 2.81
C PRO B 321 -7.92 -11.33 2.79
N ALA B 322 -7.80 -11.99 3.95
CA ALA B 322 -7.02 -13.22 4.04
C ALA B 322 -7.49 -14.29 3.06
N LYS B 323 -8.80 -14.42 2.90
CA LYS B 323 -9.33 -15.41 1.98
C LYS B 323 -8.87 -15.26 0.51
N ALA B 324 -8.81 -14.03 0.03
CA ALA B 324 -8.46 -13.76 -1.36
C ALA B 324 -6.96 -13.83 -1.62
N THR B 325 -6.16 -13.85 -0.56
CA THR B 325 -4.70 -13.74 -0.71
C THR B 325 -4.07 -15.04 -0.20
N LEU B 326 -4.01 -15.21 1.13
CA LEU B 326 -3.54 -16.45 1.77
C LEU B 326 -4.37 -17.70 1.32
N GLY B 327 -5.71 -17.59 1.39
CA GLY B 327 -6.60 -18.74 1.10
C GLY B 327 -6.53 -19.24 -0.36
N GLU B 328 -6.53 -18.28 -1.27
CA GLU B 328 -6.34 -18.54 -2.70
C GLU B 328 -4.93 -19.09 -3.06
N THR B 329 -3.88 -18.55 -2.46
CA THR B 329 -2.52 -19.09 -2.68
C THR B 329 -2.42 -20.55 -2.20
N HIS B 330 -3.07 -20.87 -1.07
CA HIS B 330 -3.08 -22.22 -0.58
C HIS B 330 -3.91 -23.13 -1.48
N ARG B 331 -5.01 -22.66 -2.02
CA ARG B 331 -5.77 -23.47 -2.92
C ARG B 331 -4.92 -23.80 -4.18
N LEU B 332 -4.14 -22.84 -4.68
CA LEU B 332 -3.33 -23.01 -5.89
C LEU B 332 -2.10 -23.78 -5.62
N PHE B 333 -1.44 -23.62 -4.49
CA PHE B 333 -0.11 -24.16 -4.22
C PHE B 333 -0.11 -24.75 -2.82
N PRO B 334 -0.93 -25.83 -2.64
CA PRO B 334 -1.12 -26.29 -1.27
C PRO B 334 0.13 -26.87 -0.63
N ASN B 335 1.19 -27.18 -1.39
CA ASN B 335 2.37 -27.74 -0.73
C ASN B 335 3.49 -26.76 -0.43
N THR B 336 3.23 -25.47 -0.70
CA THR B 336 4.25 -24.44 -0.47
C THR B 336 3.77 -23.72 0.80
N MET B 337 4.48 -23.90 1.90
CA MET B 337 4.01 -23.33 3.14
C MET B 337 3.97 -21.78 3.08
N LEU B 338 3.02 -21.24 3.84
CA LEU B 338 2.89 -19.77 4.05
C LEU B 338 3.41 -19.45 5.47
N PHE B 339 4.26 -18.41 5.61
CA PHE B 339 4.84 -18.04 6.91
C PHE B 339 4.85 -16.50 7.14
N ALA B 340 4.36 -16.08 8.30
CA ALA B 340 4.36 -14.62 8.57
C ALA B 340 5.74 -14.19 9.13
N SER B 341 6.52 -13.42 8.38
CA SER B 341 7.85 -13.12 8.83
C SER B 341 8.09 -11.67 9.40
N GLU B 342 7.09 -10.79 9.35
CA GLU B 342 7.31 -9.49 9.96
C GLU B 342 6.02 -8.76 10.31
N ALA B 343 5.93 -8.26 11.55
CA ALA B 343 4.79 -7.45 12.01
C ALA B 343 5.31 -6.54 13.13
N CYS B 344 4.81 -5.32 13.19
CA CYS B 344 4.99 -4.44 14.36
C CYS B 344 3.94 -3.33 14.30
N VAL B 345 3.49 -2.81 15.46
CA VAL B 345 2.57 -1.70 15.42
C VAL B 345 3.39 -0.42 15.60
N GLY B 346 2.72 0.72 15.40
CA GLY B 346 3.32 2.05 15.64
C GLY B 346 4.15 2.49 14.47
N SER B 347 4.00 1.79 13.34
CA SER B 347 4.75 2.07 12.14
C SER B 347 4.02 2.97 11.13
N LYS B 348 2.76 3.37 11.36
CA LYS B 348 2.15 4.35 10.43
C LYS B 348 2.59 5.78 10.84
N PHE B 349 2.75 6.70 9.88
CA PHE B 349 3.38 8.03 10.26
C PHE B 349 2.52 8.79 11.28
N TRP B 350 1.21 8.54 11.36
CA TRP B 350 0.36 9.23 12.33
C TRP B 350 0.24 8.54 13.68
N GLU B 351 0.79 7.34 13.83
CA GLU B 351 0.74 6.64 15.10
C GLU B 351 1.85 7.00 16.00
N GLN B 352 1.56 6.99 17.29
CA GLN B 352 2.62 7.13 18.32
C GLN B 352 3.51 5.91 18.20
N SER B 353 4.83 6.04 18.36
CA SER B 353 5.69 4.82 18.22
C SER B 353 5.47 3.74 19.26
N VAL B 354 5.54 4.16 20.52
CA VAL B 354 5.51 3.27 21.67
C VAL B 354 4.36 3.78 22.56
N ARG B 355 3.35 2.92 22.82
CA ARG B 355 2.29 3.32 23.77
C ARG B 355 2.36 2.35 24.90
N LEU B 356 3.12 2.66 25.95
CA LEU B 356 3.33 1.71 27.05
C LEU B 356 2.01 1.22 27.71
N GLY B 357 1.72 -0.07 27.59
CA GLY B 357 0.58 -0.61 28.27
C GLY B 357 -0.62 -0.73 27.33
N SER B 358 -0.41 -0.54 26.02
CA SER B 358 -1.54 -0.54 25.11
C SER B 358 -2.16 -1.93 24.87
N TRP B 359 -3.42 -2.09 25.31
CA TRP B 359 -4.16 -3.30 25.18
C TRP B 359 -4.60 -3.52 23.69
N ASP B 360 -5.04 -2.41 23.05
CA ASP B 360 -5.35 -2.38 21.64
C ASP B 360 -4.23 -3.00 20.77
N ARG B 361 -2.98 -2.65 21.06
CA ARG B 361 -1.85 -3.15 20.26
C ARG B 361 -1.68 -4.66 20.54
N GLY B 362 -1.87 -5.13 21.80
CA GLY B 362 -1.88 -6.55 22.07
C GLY B 362 -2.95 -7.27 21.22
N MET B 363 -4.21 -6.74 21.23
CA MET B 363 -5.27 -7.32 20.41
C MET B 363 -5.00 -7.37 18.90
N GLN B 364 -4.32 -6.36 18.40
CA GLN B 364 -3.90 -6.40 16.99
C GLN B 364 -2.96 -7.61 16.75
N TYR B 365 -2.02 -7.84 17.64
CA TYR B 365 -1.15 -9.04 17.50
C TYR B 365 -1.96 -10.39 17.41
N SER B 366 -2.78 -10.68 18.45
CA SER B 366 -3.52 -11.96 18.55
C SER B 366 -4.61 -12.06 17.45
N HIS B 367 -5.22 -10.94 17.10
CA HIS B 367 -6.16 -10.96 15.97
C HIS B 367 -5.43 -11.37 14.68
N SER B 368 -4.28 -10.75 14.46
CA SER B 368 -3.47 -11.13 13.30
C SER B 368 -3.03 -12.62 13.34
N ILE B 369 -2.46 -13.05 14.45
CA ILE B 369 -2.05 -14.45 14.56
C ILE B 369 -3.19 -15.44 14.31
N ILE B 370 -4.34 -15.24 14.94
CA ILE B 370 -5.46 -16.11 14.70
C ILE B 370 -5.88 -16.12 13.23
N THR B 371 -5.96 -14.95 12.59
CA THR B 371 -6.39 -14.85 11.20
C THR B 371 -5.43 -15.57 10.28
N ASN B 372 -4.12 -15.41 10.50
CA ASN B 372 -3.14 -16.16 9.75
C ASN B 372 -3.29 -17.68 9.91
N LEU B 373 -3.33 -18.13 11.16
CA LEU B 373 -3.54 -19.54 11.48
C LEU B 373 -4.78 -20.09 10.80
N LEU B 374 -5.86 -19.33 10.73
CA LEU B 374 -7.09 -19.82 10.08
C LEU B 374 -6.97 -19.86 8.54
N TYR B 375 -6.01 -19.17 7.97
CA TYR B 375 -5.74 -19.23 6.51
C TYR B 375 -4.39 -19.86 6.18
N HIS B 376 -4.01 -20.91 6.95
CA HIS B 376 -3.00 -21.86 6.52
C HIS B 376 -1.58 -21.49 6.87
N VAL B 377 -1.38 -20.32 7.51
CA VAL B 377 -0.04 -19.86 7.85
C VAL B 377 0.60 -20.69 8.97
N VAL B 378 1.87 -21.07 8.80
CA VAL B 378 2.54 -22.03 9.68
C VAL B 378 3.37 -21.37 10.83
N GLY B 379 3.50 -20.06 10.83
CA GLY B 379 4.13 -19.40 11.96
C GLY B 379 4.07 -17.89 11.82
N TRP B 380 4.51 -17.18 12.86
CA TRP B 380 4.32 -15.75 12.93
C TRP B 380 5.51 -15.16 13.71
N THR B 381 6.12 -14.14 13.13
CA THR B 381 7.34 -13.61 13.60
C THR B 381 7.13 -12.15 13.84
N ASP B 382 7.32 -11.76 15.07
CA ASP B 382 7.43 -10.33 15.43
C ASP B 382 8.70 -9.68 14.80
N TRP B 383 8.74 -8.36 14.84
CA TRP B 383 9.91 -7.64 14.46
C TRP B 383 10.87 -7.49 15.70
N ASN B 384 11.48 -6.32 15.92
CA ASN B 384 12.48 -6.15 16.99
C ASN B 384 12.10 -6.80 18.32
N LEU B 385 12.97 -7.65 18.87
CA LEU B 385 12.75 -8.28 20.20
C LEU B 385 12.60 -7.26 21.29
N ALA B 386 13.30 -6.13 21.20
CA ALA B 386 13.23 -5.11 22.26
C ALA B 386 13.57 -3.73 21.66
N LEU B 387 12.96 -2.67 22.16
CA LEU B 387 13.30 -1.31 21.71
C LEU B 387 13.42 -0.38 22.94
N ASN B 388 13.92 0.83 22.74
CA ASN B 388 13.99 1.80 23.83
C ASN B 388 12.64 2.53 23.92
N PRO B 389 12.42 3.36 24.99
CA PRO B 389 11.10 4.07 25.06
C PRO B 389 10.71 4.96 23.85
N GLU B 390 11.67 5.31 23.02
CA GLU B 390 11.40 6.08 21.84
C GLU B 390 10.99 5.21 20.63
N GLY B 391 11.24 3.89 20.74
CA GLY B 391 10.95 2.93 19.66
C GLY B 391 12.21 2.85 18.79
N GLY B 392 13.38 3.16 19.32
CA GLY B 392 14.59 2.99 18.49
C GLY B 392 15.72 2.26 19.19
N PRO B 393 16.98 2.46 18.81
CA PRO B 393 17.52 3.37 17.83
C PRO B 393 17.16 2.91 16.44
N ASN B 394 17.25 3.87 15.52
CA ASN B 394 16.89 3.66 14.14
C ASN B 394 17.49 4.84 13.36
N TRP B 395 18.34 4.58 12.34
CA TRP B 395 19.19 5.61 11.74
C TRP B 395 18.35 6.58 10.93
N VAL B 396 17.14 6.17 10.56
CA VAL B 396 16.22 6.98 9.75
C VAL B 396 15.01 7.46 10.62
N ARG B 397 15.08 7.24 11.94
CA ARG B 397 13.98 7.58 12.87
C ARG B 397 12.64 6.94 12.54
N ASN B 398 12.69 5.77 11.90
CA ASN B 398 11.49 5.00 11.62
C ASN B 398 11.08 4.20 12.88
N PHE B 399 10.87 4.89 13.99
CA PHE B 399 10.59 4.26 15.29
C PHE B 399 9.24 3.55 15.33
N VAL B 400 9.18 2.37 15.95
CA VAL B 400 7.90 1.62 16.07
C VAL B 400 7.84 1.09 17.49
N ASP B 401 6.87 0.22 17.78
CA ASP B 401 6.71 -0.31 19.13
C ASP B 401 7.32 -1.73 19.15
N SER B 402 7.54 -2.28 20.35
CA SER B 402 8.05 -3.65 20.54
C SER B 402 7.41 -4.20 21.82
N PRO B 403 7.22 -5.55 21.89
CA PRO B 403 6.62 -6.14 23.11
C PRO B 403 7.47 -6.03 24.33
N ILE B 404 8.77 -5.76 24.19
CA ILE B 404 9.61 -5.44 25.35
C ILE B 404 10.33 -4.09 25.18
N ILE B 405 10.14 -3.24 26.19
CA ILE B 405 10.72 -1.89 26.12
C ILE B 405 11.78 -1.79 27.21
N VAL B 406 13.01 -1.44 26.82
CA VAL B 406 14.14 -1.35 27.75
C VAL B 406 14.37 0.08 28.25
N ASP B 407 14.37 0.31 29.56
CA ASP B 407 14.70 1.63 30.16
C ASP B 407 16.13 1.58 30.78
N ILE B 408 17.15 1.88 30.00
CA ILE B 408 18.52 1.70 30.42
C ILE B 408 18.91 2.54 31.63
N THR B 409 18.40 3.77 31.75
CA THR B 409 18.85 4.56 32.87
C THR B 409 18.29 3.98 34.16
N LYS B 410 17.33 3.07 34.08
CA LYS B 410 16.84 2.40 35.27
C LYS B 410 17.15 0.90 35.38
N ASP B 411 17.93 0.40 34.43
CA ASP B 411 18.17 -1.03 34.33
C ASP B 411 16.86 -1.81 34.51
N THR B 412 15.80 -1.36 33.86
CA THR B 412 14.51 -2.07 33.90
C THR B 412 13.96 -2.35 32.50
N PHE B 413 13.04 -3.28 32.42
CA PHE B 413 12.38 -3.50 31.13
C PHE B 413 10.92 -3.82 31.36
N TYR B 414 10.13 -3.42 30.38
CA TYR B 414 8.68 -3.49 30.49
C TYR B 414 8.17 -4.51 29.51
N LYS B 415 7.41 -5.49 30.01
CA LYS B 415 6.68 -6.38 29.13
C LYS B 415 5.22 -5.86 28.80
N GLN B 416 4.93 -5.67 27.51
CA GLN B 416 3.67 -5.03 27.07
C GLN B 416 2.58 -5.97 26.81
N PRO B 417 1.33 -5.48 26.74
CA PRO B 417 0.32 -6.49 26.37
C PRO B 417 0.70 -7.36 25.14
N MET B 418 1.38 -6.81 24.12
CA MET B 418 1.79 -7.60 22.95
C MET B 418 2.60 -8.86 23.31
N PHE B 419 3.44 -8.78 24.34
CA PHE B 419 4.25 -9.90 24.80
C PHE B 419 3.31 -11.04 25.19
N TYR B 420 2.35 -10.73 26.04
CA TYR B 420 1.41 -11.76 26.51
C TYR B 420 0.45 -12.29 25.41
N HIS B 421 -0.02 -11.43 24.53
CA HIS B 421 -0.92 -11.84 23.45
C HIS B 421 -0.19 -12.82 22.57
N LEU B 422 1.11 -12.57 22.33
CA LEU B 422 1.96 -13.47 21.56
C LEU B 422 2.22 -14.81 22.36
N GLY B 423 2.49 -14.73 23.64
CA GLY B 423 2.75 -15.89 24.48
C GLY B 423 1.54 -16.77 24.61
N HIS B 424 0.33 -16.21 24.50
CA HIS B 424 -0.87 -17.08 24.43
C HIS B 424 -0.85 -18.10 23.30
N PHE B 425 -0.11 -17.80 22.23
CA PHE B 425 0.22 -18.78 21.13
C PHE B 425 1.56 -19.50 21.28
N SER B 426 2.63 -18.74 21.41
CA SER B 426 3.97 -19.36 21.37
C SER B 426 4.17 -20.38 22.52
N LYS B 427 3.63 -20.10 23.70
CA LYS B 427 3.91 -20.96 24.85
C LYS B 427 3.24 -22.32 24.66
N PHE B 428 2.07 -22.32 24.00
CA PHE B 428 1.15 -23.45 24.03
C PHE B 428 1.07 -24.19 22.69
N ILE B 429 1.69 -23.65 21.64
CA ILE B 429 1.57 -24.22 20.31
C ILE B 429 3.02 -24.49 19.82
N PRO B 430 3.62 -25.62 20.25
CA PRO B 430 4.96 -26.01 19.82
C PRO B 430 4.99 -26.38 18.32
N GLU B 431 6.21 -26.29 17.75
CA GLU B 431 6.48 -26.76 16.41
C GLU B 431 5.89 -28.16 16.26
N GLY B 432 5.25 -28.43 15.12
CA GLY B 432 4.63 -29.71 14.92
C GLY B 432 3.16 -29.76 15.32
N SER B 433 2.64 -28.77 16.08
CA SER B 433 1.20 -28.72 16.37
C SER B 433 0.45 -28.62 15.05
N GLN B 434 -0.83 -29.01 15.04
CA GLN B 434 -1.51 -28.96 13.76
C GLN B 434 -2.87 -28.33 13.94
N ARG B 435 -3.22 -27.40 13.06
CA ARG B 435 -4.54 -26.80 13.16
C ARG B 435 -5.62 -27.82 12.80
N VAL B 436 -6.71 -27.77 13.59
CA VAL B 436 -7.86 -28.62 13.30
C VAL B 436 -9.18 -27.81 13.10
N GLY B 437 -10.27 -28.46 12.68
CA GLY B 437 -11.51 -27.69 12.48
C GLY B 437 -12.07 -27.09 13.81
N LEU B 438 -12.78 -25.95 13.69
CA LEU B 438 -13.60 -25.36 14.78
C LEU B 438 -14.75 -24.55 14.20
N VAL B 439 -15.98 -24.87 14.60
CA VAL B 439 -17.12 -24.23 14.00
C VAL B 439 -17.97 -23.61 15.10
N ALA B 440 -18.67 -22.53 14.78
CA ALA B 440 -19.43 -21.79 15.79
C ALA B 440 -20.93 -22.06 15.58
N SER B 441 -21.73 -22.21 16.64
CA SER B 441 -23.18 -22.40 16.44
C SER B 441 -23.97 -21.15 16.03
N GLN B 442 -23.38 -19.96 16.18
CA GLN B 442 -24.08 -18.74 15.80
C GLN B 442 -23.06 -17.64 15.64
N LYS B 443 -23.46 -16.54 15.00
CA LYS B 443 -22.63 -15.33 14.77
C LYS B 443 -22.19 -14.78 16.12
N ASN B 444 -20.96 -14.31 16.21
CA ASN B 444 -20.41 -13.95 17.50
C ASN B 444 -19.26 -12.98 17.22
N ASP B 445 -18.73 -12.36 18.23
CA ASP B 445 -17.67 -11.41 18.07
C ASP B 445 -16.30 -11.96 18.46
N LEU B 446 -16.18 -13.28 18.64
CA LEU B 446 -14.96 -13.86 19.22
C LEU B 446 -14.00 -14.12 18.08
N ASP B 447 -12.68 -14.17 18.28
CA ASP B 447 -11.80 -14.84 17.31
C ASP B 447 -11.27 -16.08 17.99
N ALA B 448 -11.26 -17.21 17.31
CA ALA B 448 -10.81 -18.43 17.98
C ALA B 448 -10.19 -19.35 16.96
N VAL B 449 -9.30 -20.22 17.44
CA VAL B 449 -8.65 -21.20 16.60
C VAL B 449 -8.34 -22.47 17.44
N ALA B 450 -8.43 -23.66 16.83
CA ALA B 450 -8.13 -24.94 17.57
C ALA B 450 -6.97 -25.69 16.92
N LEU B 451 -6.02 -26.16 17.75
CA LEU B 451 -4.96 -26.98 17.27
C LEU B 451 -4.81 -28.22 18.13
N MET B 452 -4.12 -29.22 17.57
CA MET B 452 -3.73 -30.39 18.32
C MET B 452 -2.22 -30.40 18.56
N HIS B 453 -1.82 -30.57 19.81
CA HIS B 453 -0.42 -30.63 20.25
C HIS B 453 0.17 -31.95 19.66
N PRO B 454 1.49 -32.00 19.31
CA PRO B 454 2.10 -33.28 18.81
C PRO B 454 1.76 -34.49 19.69
N ASP B 455 1.64 -34.32 21.01
CA ASP B 455 1.14 -35.44 21.81
C ASP B 455 -0.38 -35.69 21.75
N GLY B 456 -1.13 -34.99 20.88
CA GLY B 456 -2.59 -35.26 20.70
C GLY B 456 -3.49 -34.50 21.69
N SER B 457 -2.89 -33.81 22.64
CA SER B 457 -3.71 -32.85 23.47
C SER B 457 -4.21 -31.63 22.67
N ALA B 458 -5.29 -31.02 23.14
CA ALA B 458 -5.93 -29.92 22.43
C ALA B 458 -5.50 -28.53 22.98
N VAL B 459 -5.54 -27.54 22.12
CA VAL B 459 -5.21 -26.17 22.44
C VAL B 459 -6.23 -25.27 21.70
N VAL B 460 -6.94 -24.40 22.43
CA VAL B 460 -7.89 -23.49 21.76
C VAL B 460 -7.58 -22.06 22.26
N VAL B 461 -7.34 -21.12 21.35
CA VAL B 461 -7.13 -19.75 21.72
C VAL B 461 -8.41 -18.90 21.40
N VAL B 462 -8.92 -18.17 22.41
CA VAL B 462 -10.16 -17.35 22.23
C VAL B 462 -9.83 -15.87 22.58
N LEU B 463 -10.03 -14.95 21.63
CA LEU B 463 -9.83 -13.54 21.78
C LEU B 463 -11.23 -12.89 21.67
N ASN B 464 -11.58 -12.06 22.64
CA ASN B 464 -12.86 -11.31 22.61
C ASN B 464 -12.50 -9.87 22.24
N ARG B 465 -12.78 -9.47 21.02
CA ARG B 465 -12.35 -8.12 20.73
C ARG B 465 -13.39 -7.05 21.18
N SER B 466 -14.63 -7.49 21.46
CA SER B 466 -15.73 -6.65 21.97
C SER B 466 -15.67 -6.34 23.49
N SER B 467 -16.50 -5.41 23.95
CA SER B 467 -16.45 -5.07 25.35
C SER B 467 -17.47 -5.90 26.21
N LYS B 468 -18.26 -6.75 25.60
CA LYS B 468 -19.21 -7.54 26.35
C LYS B 468 -18.64 -8.93 26.68
N ASP B 469 -18.94 -9.44 27.88
CA ASP B 469 -18.58 -10.80 28.30
C ASP B 469 -19.44 -11.76 27.53
N VAL B 470 -18.86 -12.80 26.97
CA VAL B 470 -19.61 -13.74 26.19
C VAL B 470 -19.46 -15.12 26.86
N PRO B 471 -20.54 -15.61 27.50
CA PRO B 471 -20.51 -17.03 27.94
C PRO B 471 -20.50 -17.99 26.72
N LEU B 472 -19.73 -19.07 26.81
CA LEU B 472 -19.72 -20.00 25.67
C LEU B 472 -19.35 -21.40 26.16
N THR B 473 -19.59 -22.36 25.28
CA THR B 473 -19.23 -23.75 25.53
C THR B 473 -18.28 -24.19 24.42
N ILE B 474 -17.32 -25.03 24.75
CA ILE B 474 -16.54 -25.66 23.72
C ILE B 474 -16.84 -27.17 23.78
N LYS B 475 -17.21 -27.74 22.64
CA LYS B 475 -17.43 -29.16 22.53
C LYS B 475 -16.26 -29.79 21.84
N ASP B 476 -15.63 -30.78 22.50
CA ASP B 476 -14.71 -31.73 21.89
C ASP B 476 -15.47 -33.08 21.76
N PRO B 477 -15.82 -33.53 20.53
CA PRO B 477 -16.72 -34.70 20.32
C PRO B 477 -16.19 -36.03 20.90
N ALA B 478 -14.90 -36.09 21.14
CA ALA B 478 -14.31 -37.26 21.79
C ALA B 478 -14.53 -37.26 23.32
N VAL B 479 -14.48 -36.08 23.92
CA VAL B 479 -14.14 -35.93 25.31
C VAL B 479 -15.23 -35.30 26.14
N GLY B 480 -15.93 -34.28 25.65
CA GLY B 480 -16.92 -33.59 26.48
C GLY B 480 -17.01 -32.08 26.23
N PHE B 481 -17.51 -31.35 27.23
CA PHE B 481 -17.90 -29.94 27.09
C PHE B 481 -17.20 -29.12 28.14
N LEU B 482 -16.70 -27.96 27.72
CA LEU B 482 -16.06 -27.00 28.64
C LEU B 482 -17.01 -25.83 28.71
N GLU B 483 -17.55 -25.55 29.88
CA GLU B 483 -18.42 -24.39 29.99
C GLU B 483 -17.54 -23.21 30.44
N THR B 484 -17.60 -22.09 29.73
CA THR B 484 -16.70 -21.01 30.14
C THR B 484 -17.31 -19.61 29.84
N ILE B 485 -16.54 -18.57 30.04
CA ILE B 485 -17.00 -17.22 29.73
C ILE B 485 -15.75 -16.54 29.14
N SER B 486 -15.96 -15.79 28.05
CA SER B 486 -14.90 -14.93 27.53
C SER B 486 -15.20 -13.45 27.93
N PRO B 487 -14.52 -12.89 28.93
CA PRO B 487 -14.76 -11.49 29.36
C PRO B 487 -14.46 -10.50 28.24
N GLY B 488 -15.14 -9.35 28.20
CA GLY B 488 -14.81 -8.39 27.10
C GLY B 488 -13.28 -8.09 27.09
N TYR B 489 -12.62 -7.93 25.94
CA TYR B 489 -11.18 -7.54 26.06
C TYR B 489 -10.42 -8.55 26.94
N SER B 490 -10.55 -9.80 26.51
CA SER B 490 -9.76 -10.81 27.13
C SER B 490 -9.13 -11.66 26.05
N ILE B 491 -8.06 -12.34 26.42
CA ILE B 491 -7.59 -13.47 25.66
C ILE B 491 -7.42 -14.69 26.57
N HIS B 492 -7.82 -15.87 26.07
CA HIS B 492 -7.73 -17.11 26.83
C HIS B 492 -7.05 -18.17 25.97
N THR B 493 -6.24 -18.99 26.60
CA THR B 493 -5.79 -20.23 25.94
C THR B 493 -6.30 -21.39 26.78
N TYR B 494 -6.99 -22.34 26.14
CA TYR B 494 -7.55 -23.54 26.81
C TYR B 494 -6.72 -24.75 26.39
N LEU B 495 -6.38 -25.63 27.36
CA LEU B 495 -5.58 -26.85 27.11
C LEU B 495 -6.30 -28.03 27.79
N TRP B 496 -6.40 -29.16 27.09
CA TRP B 496 -6.88 -30.41 27.69
C TRP B 496 -6.31 -31.65 26.97
N HIS B 497 -6.12 -32.74 27.74
CA HIS B 497 -5.71 -34.05 27.20
C HIS B 497 -6.95 -34.71 26.71
N ARG B 498 -6.87 -35.39 25.60
CA ARG B 498 -8.07 -35.95 25.07
C ARG B 498 -7.87 -37.45 25.31
#